data_2EN7
#
_entry.id   2EN7
#
loop_
_entity.id
_entity.type
_entity.pdbx_description
1 polymer 'Zinc finger protein 268'
2 non-polymer 'ZINC ION'
#
_entity_poly.entity_id   1
_entity_poly.type   'polypeptide(L)'
_entity_poly.pdbx_seq_one_letter_code
;GSSGSSGTGMKPYVCNECGKAFRSKSYLIIHTRTHTGESGPSSG
;
_entity_poly.pdbx_strand_id   A
#
# COMPACT_ATOMS: atom_id res chain seq x y z
N GLY A 1 23.42 1.66 -7.16
CA GLY A 1 23.67 0.59 -6.22
C GLY A 1 23.53 1.04 -4.78
N SER A 2 22.74 0.30 -4.01
CA SER A 2 22.52 0.64 -2.60
C SER A 2 21.72 -0.46 -1.90
N SER A 3 21.94 -0.60 -0.60
CA SER A 3 21.26 -1.62 0.19
C SER A 3 20.63 -1.01 1.43
N GLY A 4 19.30 -0.93 1.43
CA GLY A 4 18.60 -0.36 2.57
C GLY A 4 17.11 -0.21 2.32
N SER A 5 16.77 0.45 1.22
CA SER A 5 15.36 0.67 0.87
C SER A 5 14.67 1.52 1.92
N SER A 6 15.36 2.54 2.39
CA SER A 6 14.80 3.44 3.40
C SER A 6 14.36 4.76 2.79
N GLY A 7 13.53 5.50 3.52
CA GLY A 7 13.05 6.78 3.03
C GLY A 7 11.94 7.35 3.89
N THR A 8 10.94 7.94 3.25
CA THR A 8 9.82 8.53 3.97
C THR A 8 8.71 7.51 4.19
N GLY A 9 9.10 6.29 4.56
CA GLY A 9 8.12 5.24 4.81
C GLY A 9 8.78 3.89 5.06
N MET A 10 7.96 2.89 5.33
CA MET A 10 8.46 1.54 5.59
C MET A 10 8.76 0.81 4.29
N LYS A 11 7.74 0.67 3.44
CA LYS A 11 7.89 -0.01 2.16
C LYS A 11 7.96 1.00 1.02
N PRO A 12 8.46 0.55 -0.14
CA PRO A 12 8.58 1.40 -1.33
C PRO A 12 7.23 1.75 -1.94
N TYR A 13 6.77 0.91 -2.87
CA TYR A 13 5.49 1.14 -3.54
C TYR A 13 4.44 0.16 -3.02
N VAL A 14 4.69 -0.43 -1.86
CA VAL A 14 3.77 -1.38 -1.27
C VAL A 14 2.58 -0.67 -0.63
N CYS A 15 1.41 -1.30 -0.70
CA CYS A 15 0.19 -0.73 -0.13
C CYS A 15 0.19 -0.86 1.38
N ASN A 16 0.40 0.26 2.06
CA ASN A 16 0.43 0.29 3.52
C ASN A 16 -0.95 -0.02 4.09
N GLU A 17 -1.93 -0.19 3.21
CA GLU A 17 -3.30 -0.49 3.63
C GLU A 17 -3.53 -2.00 3.68
N CYS A 18 -3.13 -2.69 2.61
CA CYS A 18 -3.29 -4.13 2.55
C CYS A 18 -1.94 -4.83 2.51
N GLY A 19 -0.95 -4.19 1.88
CA GLY A 19 0.37 -4.77 1.80
C GLY A 19 0.74 -5.16 0.38
N LYS A 20 -0.11 -4.80 -0.57
CA LYS A 20 0.13 -5.13 -1.98
C LYS A 20 1.41 -4.46 -2.47
N ALA A 21 2.41 -5.28 -2.79
CA ALA A 21 3.68 -4.78 -3.28
C ALA A 21 3.67 -4.67 -4.80
N PHE A 22 4.22 -3.57 -5.31
CA PHE A 22 4.27 -3.34 -6.75
C PHE A 22 5.70 -3.01 -7.19
N ARG A 23 5.85 -2.68 -8.46
CA ARG A 23 7.15 -2.34 -9.02
C ARG A 23 7.35 -0.83 -9.08
N SER A 24 6.27 -0.11 -9.40
CA SER A 24 6.32 1.35 -9.49
C SER A 24 5.20 1.98 -8.67
N LYS A 25 5.40 3.24 -8.29
CA LYS A 25 4.41 3.96 -7.51
C LYS A 25 3.11 4.12 -8.29
N SER A 26 3.22 4.22 -9.61
CA SER A 26 2.05 4.36 -10.47
C SER A 26 1.13 3.15 -10.35
N TYR A 27 1.72 1.99 -10.12
CA TYR A 27 0.95 0.76 -9.99
C TYR A 27 0.23 0.70 -8.65
N LEU A 28 0.84 1.29 -7.63
CA LEU A 28 0.27 1.30 -6.29
C LEU A 28 -0.81 2.38 -6.19
N ILE A 29 -0.63 3.48 -6.91
CA ILE A 29 -1.58 4.57 -6.90
C ILE A 29 -2.90 4.17 -7.55
N ILE A 30 -2.80 3.52 -8.71
CA ILE A 30 -3.98 3.06 -9.43
C ILE A 30 -4.67 1.92 -8.70
N HIS A 31 -3.97 1.34 -7.72
CA HIS A 31 -4.52 0.24 -6.94
C HIS A 31 -5.18 0.75 -5.66
N THR A 32 -4.45 1.57 -4.92
CA THR A 32 -4.95 2.13 -3.67
C THR A 32 -6.37 2.65 -3.84
N ARG A 33 -6.75 2.93 -5.08
CA ARG A 33 -8.09 3.44 -5.38
C ARG A 33 -9.10 2.31 -5.37
N THR A 34 -8.71 1.15 -5.88
CA THR A 34 -9.60 0.00 -5.93
C THR A 34 -10.24 -0.27 -4.57
N HIS A 35 -9.49 0.01 -3.50
CA HIS A 35 -9.98 -0.20 -2.15
C HIS A 35 -11.39 0.38 -1.99
N THR A 36 -11.75 1.29 -2.89
CA THR A 36 -13.06 1.92 -2.85
C THR A 36 -14.13 1.04 -3.51
N GLY A 37 -14.03 -0.26 -3.28
CA GLY A 37 -14.98 -1.19 -3.86
C GLY A 37 -15.91 -1.79 -2.82
N GLU A 38 -16.37 -0.95 -1.89
CA GLU A 38 -17.28 -1.39 -0.83
C GLU A 38 -18.70 -0.92 -1.10
N SER A 39 -18.83 0.37 -1.44
CA SER A 39 -20.14 0.95 -1.71
C SER A 39 -20.93 0.09 -2.69
N GLY A 40 -20.37 -0.12 -3.87
CA GLY A 40 -21.03 -0.91 -4.88
C GLY A 40 -21.70 -2.15 -4.29
N PRO A 41 -20.94 -3.24 -4.21
CA PRO A 41 -21.44 -4.51 -3.66
C PRO A 41 -21.69 -4.44 -2.16
N SER A 42 -22.76 -5.08 -1.71
CA SER A 42 -23.11 -5.09 -0.30
C SER A 42 -24.09 -6.21 0.02
N SER A 43 -24.43 -6.36 1.30
CA SER A 43 -25.36 -7.40 1.73
C SER A 43 -26.46 -6.81 2.60
N GLY A 44 -27.62 -7.47 2.60
CA GLY A 44 -28.74 -7.00 3.41
C GLY A 44 -28.48 -7.11 4.89
N GLY A 1 11.35 14.16 4.05
CA GLY A 1 11.36 12.87 4.72
C GLY A 1 11.18 12.99 6.22
N SER A 2 10.90 11.87 6.87
CA SER A 2 10.70 11.86 8.32
C SER A 2 11.28 10.60 8.93
N SER A 3 11.53 10.65 10.24
CA SER A 3 12.11 9.51 10.96
C SER A 3 11.29 9.19 12.20
N GLY A 4 11.34 7.94 12.64
CA GLY A 4 10.61 7.52 13.82
C GLY A 4 11.49 7.46 15.05
N SER A 5 10.87 7.25 16.20
CA SER A 5 11.60 7.18 17.47
C SER A 5 11.64 5.74 17.98
N SER A 6 10.49 5.09 18.01
CA SER A 6 10.38 3.72 18.48
C SER A 6 9.68 2.84 17.46
N GLY A 7 10.04 3.01 16.20
CA GLY A 7 9.45 2.22 15.13
C GLY A 7 9.38 2.98 13.82
N THR A 8 10.30 2.67 12.91
CA THR A 8 10.36 3.33 11.62
C THR A 8 10.07 2.34 10.49
N GLY A 9 8.79 2.07 10.27
CA GLY A 9 8.40 1.14 9.22
C GLY A 9 7.85 1.85 8.00
N MET A 10 8.59 1.77 6.88
CA MET A 10 8.17 2.40 5.65
C MET A 10 8.32 1.44 4.47
N LYS A 11 7.48 1.62 3.45
CA LYS A 11 7.52 0.77 2.26
C LYS A 11 7.60 1.61 1.00
N PRO A 12 8.18 1.04 -0.06
CA PRO A 12 8.33 1.72 -1.35
C PRO A 12 7.00 1.90 -2.07
N TYR A 13 6.64 0.92 -2.90
CA TYR A 13 5.39 0.98 -3.64
C TYR A 13 4.36 0.01 -3.06
N VAL A 14 4.72 -0.62 -1.94
CA VAL A 14 3.83 -1.58 -1.29
C VAL A 14 2.72 -0.86 -0.54
N CYS A 15 1.51 -1.40 -0.63
CA CYS A 15 0.36 -0.80 0.04
C CYS A 15 0.48 -0.94 1.55
N ASN A 16 0.49 0.19 2.25
CA ASN A 16 0.61 0.21 3.70
C ASN A 16 -0.75 -0.01 4.36
N GLU A 17 -1.68 -0.57 3.60
CA GLU A 17 -3.03 -0.83 4.11
C GLU A 17 -3.38 -2.31 3.98
N CYS A 18 -2.96 -2.93 2.89
CA CYS A 18 -3.23 -4.34 2.65
C CYS A 18 -1.93 -5.13 2.50
N GLY A 19 -0.91 -4.48 1.94
CA GLY A 19 0.37 -5.13 1.75
C GLY A 19 0.64 -5.47 0.29
N LYS A 20 -0.14 -4.88 -0.60
CA LYS A 20 0.02 -5.13 -2.03
C LYS A 20 1.31 -4.50 -2.55
N ALA A 21 2.25 -5.34 -2.93
CA ALA A 21 3.53 -4.88 -3.45
C ALA A 21 3.48 -4.69 -4.96
N PHE A 22 4.18 -3.67 -5.45
CA PHE A 22 4.20 -3.38 -6.88
C PHE A 22 5.63 -3.10 -7.35
N ARG A 23 5.79 -2.86 -8.65
CA ARG A 23 7.09 -2.58 -9.22
C ARG A 23 7.33 -1.08 -9.31
N SER A 24 6.27 -0.32 -9.57
CA SER A 24 6.38 1.13 -9.69
C SER A 24 5.34 1.81 -8.79
N LYS A 25 5.50 3.13 -8.62
CA LYS A 25 4.59 3.90 -7.80
C LYS A 25 3.22 4.03 -8.46
N SER A 26 3.22 4.35 -9.75
CA SER A 26 1.99 4.52 -10.50
C SER A 26 1.11 3.27 -10.37
N TYR A 27 1.74 2.13 -10.15
CA TYR A 27 1.02 0.87 -10.01
C TYR A 27 0.27 0.82 -8.67
N LEU A 28 0.91 1.33 -7.63
CA LEU A 28 0.29 1.35 -6.30
C LEU A 28 -0.80 2.41 -6.22
N ILE A 29 -0.65 3.47 -7.01
CA ILE A 29 -1.63 4.54 -7.02
C ILE A 29 -2.94 4.10 -7.66
N ILE A 30 -2.83 3.40 -8.79
CA ILE A 30 -4.00 2.90 -9.49
C ILE A 30 -4.73 1.84 -8.70
N HIS A 31 -4.03 1.28 -7.70
CA HIS A 31 -4.61 0.24 -6.85
C HIS A 31 -5.22 0.85 -5.59
N THR A 32 -4.40 1.57 -4.84
CA THR A 32 -4.85 2.21 -3.61
C THR A 32 -6.25 2.77 -3.76
N ARG A 33 -6.63 3.09 -5.00
CA ARG A 33 -7.95 3.63 -5.28
C ARG A 33 -9.00 2.53 -5.34
N THR A 34 -8.63 1.41 -5.97
CA THR A 34 -9.54 0.28 -6.11
C THR A 34 -10.19 -0.06 -4.78
N HIS A 35 -9.48 0.20 -3.69
CA HIS A 35 -9.99 -0.08 -2.35
C HIS A 35 -11.40 0.47 -2.19
N THR A 36 -11.77 1.40 -3.05
CA THR A 36 -13.09 2.02 -3.01
C THR A 36 -14.19 0.97 -3.14
N GLY A 37 -13.98 0.01 -4.03
CA GLY A 37 -14.96 -1.04 -4.24
C GLY A 37 -14.33 -2.36 -4.63
N GLU A 38 -14.06 -3.20 -3.64
CA GLU A 38 -13.44 -4.50 -3.90
C GLU A 38 -14.38 -5.63 -3.49
N SER A 39 -14.38 -6.70 -4.28
CA SER A 39 -15.23 -7.86 -4.00
C SER A 39 -16.68 -7.42 -3.82
N GLY A 40 -17.14 -6.54 -4.70
CA GLY A 40 -18.51 -6.06 -4.62
C GLY A 40 -19.50 -7.02 -5.27
N PRO A 41 -20.80 -6.81 -4.99
CA PRO A 41 -21.86 -7.65 -5.54
C PRO A 41 -22.05 -7.44 -7.04
N SER A 42 -21.19 -6.61 -7.63
CA SER A 42 -21.26 -6.33 -9.07
C SER A 42 -22.66 -5.87 -9.46
N SER A 43 -23.24 -4.99 -8.65
CA SER A 43 -24.58 -4.48 -8.90
C SER A 43 -24.51 -3.06 -9.46
N GLY A 44 -23.69 -2.22 -8.84
CA GLY A 44 -23.54 -0.84 -9.29
C GLY A 44 -22.24 -0.61 -10.04
N GLY A 1 19.02 -13.18 11.62
CA GLY A 1 19.90 -12.08 11.96
C GLY A 1 19.19 -11.01 12.78
N SER A 2 18.36 -11.44 13.71
CA SER A 2 17.62 -10.50 14.56
C SER A 2 18.46 -9.29 14.91
N SER A 3 19.73 -9.54 15.27
CA SER A 3 20.64 -8.47 15.63
C SER A 3 20.81 -7.49 14.47
N GLY A 4 20.26 -6.30 14.61
CA GLY A 4 20.36 -5.30 13.57
C GLY A 4 19.28 -5.44 12.52
N SER A 5 18.15 -4.76 12.73
CA SER A 5 17.04 -4.82 11.79
C SER A 5 16.86 -3.49 11.07
N SER A 6 17.21 -3.46 9.79
CA SER A 6 17.09 -2.24 8.99
C SER A 6 15.98 -2.38 7.96
N GLY A 7 16.01 -3.48 7.21
CA GLY A 7 15.01 -3.71 6.19
C GLY A 7 13.67 -4.14 6.77
N THR A 8 13.11 -3.30 7.64
CA THR A 8 11.84 -3.59 8.28
C THR A 8 10.74 -2.68 7.74
N GLY A 9 11.09 -1.43 7.50
CA GLY A 9 10.11 -0.48 6.99
C GLY A 9 10.33 -0.15 5.53
N MET A 10 10.62 -1.17 4.73
CA MET A 10 10.85 -0.99 3.30
C MET A 10 9.56 -1.10 2.52
N LYS A 11 8.79 -0.01 2.51
CA LYS A 11 7.52 0.02 1.79
C LYS A 11 7.38 1.31 0.98
N PRO A 12 8.12 1.38 -0.13
CA PRO A 12 8.10 2.55 -1.01
C PRO A 12 6.78 2.68 -1.77
N TYR A 13 6.39 1.61 -2.46
CA TYR A 13 5.15 1.61 -3.23
C TYR A 13 4.18 0.57 -2.69
N VAL A 14 4.46 0.07 -1.49
CA VAL A 14 3.62 -0.93 -0.85
C VAL A 14 2.36 -0.31 -0.26
N CYS A 15 1.24 -1.00 -0.40
CA CYS A 15 -0.04 -0.50 0.13
C CYS A 15 -0.05 -0.56 1.66
N ASN A 16 -0.01 0.61 2.28
CA ASN A 16 -0.02 0.69 3.74
C ASN A 16 -1.34 0.21 4.31
N GLU A 17 -2.26 -0.16 3.42
CA GLU A 17 -3.57 -0.65 3.83
C GLU A 17 -3.62 -2.18 3.82
N CYS A 18 -3.46 -2.75 2.63
CA CYS A 18 -3.48 -4.20 2.48
C CYS A 18 -2.07 -4.77 2.51
N GLY A 19 -1.09 -3.93 2.17
CA GLY A 19 0.30 -4.37 2.16
C GLY A 19 0.75 -4.82 0.78
N LYS A 20 -0.05 -4.52 -0.23
CA LYS A 20 0.28 -4.90 -1.61
C LYS A 20 1.54 -4.19 -2.08
N ALA A 21 2.60 -4.96 -2.31
CA ALA A 21 3.87 -4.41 -2.77
C ALA A 21 3.92 -4.36 -4.29
N PHE A 22 4.27 -3.20 -4.83
CA PHE A 22 4.37 -3.01 -6.28
C PHE A 22 5.79 -2.68 -6.69
N ARG A 23 5.99 -2.47 -7.99
CA ARG A 23 7.30 -2.15 -8.52
C ARG A 23 7.50 -0.63 -8.62
N SER A 24 6.43 0.07 -8.97
CA SER A 24 6.47 1.52 -9.10
C SER A 24 5.31 2.18 -8.37
N LYS A 25 5.41 3.48 -8.15
CA LYS A 25 4.37 4.23 -7.46
C LYS A 25 3.10 4.29 -8.30
N SER A 26 3.27 4.44 -9.61
CA SER A 26 2.13 4.52 -10.52
C SER A 26 1.37 3.19 -10.56
N TYR A 27 2.03 2.13 -10.12
CA TYR A 27 1.42 0.81 -10.12
C TYR A 27 0.57 0.61 -8.87
N LEU A 28 0.95 1.29 -7.78
CA LEU A 28 0.23 1.19 -6.53
C LEU A 28 -0.95 2.16 -6.50
N ILE A 29 -0.77 3.32 -7.10
CA ILE A 29 -1.82 4.34 -7.16
C ILE A 29 -3.04 3.82 -7.90
N ILE A 30 -2.81 3.08 -8.98
CA ILE A 30 -3.90 2.52 -9.77
C ILE A 30 -4.65 1.45 -9.01
N HIS A 31 -4.01 0.92 -7.97
CA HIS A 31 -4.62 -0.12 -7.15
C HIS A 31 -5.30 0.48 -5.93
N THR A 32 -4.65 1.46 -5.31
CA THR A 32 -5.20 2.12 -4.13
C THR A 32 -6.65 2.53 -4.36
N ARG A 33 -7.03 2.68 -5.62
CA ARG A 33 -8.38 3.07 -5.97
C ARG A 33 -9.36 1.91 -5.76
N THR A 34 -8.89 0.69 -6.00
CA THR A 34 -9.72 -0.49 -5.84
C THR A 34 -10.29 -0.57 -4.43
N HIS A 35 -9.74 0.23 -3.52
CA HIS A 35 -10.19 0.26 -2.14
C HIS A 35 -11.39 1.20 -1.97
N THR A 36 -12.00 1.55 -3.10
CA THR A 36 -13.16 2.45 -3.08
C THR A 36 -14.42 1.72 -2.65
N GLY A 37 -14.49 0.43 -2.97
CA GLY A 37 -15.65 -0.36 -2.60
C GLY A 37 -16.00 -0.22 -1.13
N GLU A 38 -15.03 -0.47 -0.26
CA GLU A 38 -15.25 -0.37 1.18
C GLU A 38 -15.77 1.02 1.55
N SER A 39 -14.98 2.04 1.25
CA SER A 39 -15.36 3.41 1.56
C SER A 39 -16.41 3.92 0.58
N GLY A 40 -16.84 5.17 0.77
CA GLY A 40 -17.84 5.75 -0.10
C GLY A 40 -18.08 7.21 0.19
N PRO A 41 -17.14 8.06 -0.22
CA PRO A 41 -17.24 9.52 -0.01
C PRO A 41 -18.32 10.16 -0.86
N SER A 42 -19.22 10.90 -0.21
CA SER A 42 -20.32 11.57 -0.90
C SER A 42 -20.16 13.08 -0.83
N SER A 43 -20.82 13.78 -1.74
CA SER A 43 -20.76 15.24 -1.79
C SER A 43 -19.31 15.72 -1.89
N GLY A 44 -18.53 15.05 -2.74
CA GLY A 44 -17.14 15.42 -2.89
C GLY A 44 -16.19 14.29 -2.56
N GLY A 1 18.79 0.07 27.02
CA GLY A 1 17.59 -0.26 26.28
C GLY A 1 17.74 -1.52 25.46
N SER A 2 16.88 -1.69 24.47
CA SER A 2 16.92 -2.87 23.61
C SER A 2 16.48 -2.52 22.19
N SER A 3 17.15 -3.12 21.20
CA SER A 3 16.83 -2.87 19.81
C SER A 3 15.35 -3.12 19.54
N GLY A 4 14.70 -2.14 18.90
CA GLY A 4 13.29 -2.26 18.59
C GLY A 4 12.94 -1.64 17.25
N SER A 5 11.74 -1.96 16.76
CA SER A 5 11.28 -1.44 15.47
C SER A 5 11.56 0.05 15.36
N SER A 6 12.15 0.46 14.24
CA SER A 6 12.47 1.86 14.02
C SER A 6 11.68 2.42 12.85
N GLY A 7 11.63 1.66 11.75
CA GLY A 7 10.90 2.10 10.57
C GLY A 7 9.56 1.40 10.44
N THR A 8 8.58 1.84 11.22
CA THR A 8 7.25 1.26 11.19
C THR A 8 6.76 1.09 9.75
N GLY A 9 7.11 2.03 8.89
CA GLY A 9 6.71 1.95 7.50
C GLY A 9 7.84 2.30 6.55
N MET A 10 8.62 1.29 6.17
CA MET A 10 9.75 1.49 5.26
C MET A 10 9.51 0.78 3.94
N LYS A 11 8.27 0.82 3.46
CA LYS A 11 7.91 0.17 2.20
C LYS A 11 7.99 1.15 1.03
N PRO A 12 8.45 0.66 -0.12
CA PRO A 12 8.59 1.48 -1.33
C PRO A 12 7.22 1.86 -1.92
N TYR A 13 6.72 1.04 -2.82
CA TYR A 13 5.44 1.29 -3.46
C TYR A 13 4.38 0.30 -2.97
N VAL A 14 4.65 -0.32 -1.83
CA VAL A 14 3.72 -1.29 -1.24
C VAL A 14 2.54 -0.58 -0.59
N CYS A 15 1.37 -1.20 -0.68
CA CYS A 15 0.16 -0.63 -0.09
C CYS A 15 0.25 -0.65 1.43
N ASN A 16 0.14 0.53 2.03
CA ASN A 16 0.19 0.66 3.49
C ASN A 16 -1.18 0.42 4.11
N GLU A 17 -1.98 -0.40 3.45
CA GLU A 17 -3.32 -0.71 3.94
C GLU A 17 -3.58 -2.22 3.88
N CYS A 18 -3.12 -2.85 2.81
CA CYS A 18 -3.29 -4.30 2.64
C CYS A 18 -1.95 -5.01 2.56
N GLY A 19 -0.97 -4.34 1.94
CA GLY A 19 0.35 -4.92 1.81
C GLY A 19 0.67 -5.31 0.38
N LYS A 20 -0.03 -4.69 -0.56
CA LYS A 20 0.18 -4.97 -1.99
C LYS A 20 1.48 -4.35 -2.47
N ALA A 21 2.45 -5.19 -2.79
CA ALA A 21 3.74 -4.73 -3.28
C ALA A 21 3.75 -4.60 -4.80
N PHE A 22 4.20 -3.46 -5.30
CA PHE A 22 4.26 -3.21 -6.73
C PHE A 22 5.68 -2.86 -7.17
N ARG A 23 5.85 -2.65 -8.47
CA ARG A 23 7.16 -2.32 -9.02
C ARG A 23 7.37 -0.81 -9.05
N SER A 24 6.27 -0.07 -9.15
CA SER A 24 6.33 1.39 -9.20
C SER A 24 5.12 2.00 -8.49
N LYS A 25 5.26 3.26 -8.08
CA LYS A 25 4.18 3.96 -7.41
C LYS A 25 2.92 3.97 -8.26
N SER A 26 3.09 4.20 -9.56
CA SER A 26 1.95 4.23 -10.48
C SER A 26 1.06 3.01 -10.29
N TYR A 27 1.69 1.86 -10.08
CA TYR A 27 0.95 0.61 -9.89
C TYR A 27 0.22 0.61 -8.54
N LEU A 28 0.78 1.34 -7.58
CA LEU A 28 0.19 1.42 -6.24
C LEU A 28 -0.90 2.48 -6.20
N ILE A 29 -0.78 3.48 -7.06
CA ILE A 29 -1.76 4.56 -7.12
C ILE A 29 -3.04 4.10 -7.80
N ILE A 30 -2.89 3.25 -8.81
CA ILE A 30 -4.05 2.72 -9.55
C ILE A 30 -4.76 1.64 -8.75
N HIS A 31 -4.06 1.09 -7.76
CA HIS A 31 -4.63 0.04 -6.92
C HIS A 31 -5.26 0.63 -5.66
N THR A 32 -4.50 1.49 -4.98
CA THR A 32 -4.98 2.12 -3.75
C THR A 32 -6.38 2.68 -3.94
N ARG A 33 -6.72 3.03 -5.17
CA ARG A 33 -8.04 3.59 -5.48
C ARG A 33 -9.10 2.48 -5.51
N THR A 34 -8.76 1.37 -6.15
CA THR A 34 -9.67 0.24 -6.26
C THR A 34 -10.28 -0.10 -4.90
N HIS A 35 -9.50 0.10 -3.84
CA HIS A 35 -9.97 -0.19 -2.49
C HIS A 35 -11.34 0.43 -2.25
N THR A 36 -11.61 1.56 -2.89
CA THR A 36 -12.89 2.25 -2.74
C THR A 36 -13.44 2.07 -1.34
N GLY A 37 -12.56 2.15 -0.34
CA GLY A 37 -12.99 2.00 1.04
C GLY A 37 -13.61 0.65 1.31
N GLU A 38 -12.86 -0.41 1.07
CA GLU A 38 -13.35 -1.77 1.29
C GLU A 38 -12.74 -2.38 2.55
N SER A 39 -11.46 -2.13 2.75
CA SER A 39 -10.76 -2.65 3.92
C SER A 39 -11.19 -1.93 5.19
N GLY A 40 -11.61 -0.68 5.04
CA GLY A 40 -12.05 0.10 6.18
C GLY A 40 -10.95 1.00 6.73
N PRO A 41 -11.34 2.15 7.28
CA PRO A 41 -10.40 3.12 7.85
C PRO A 41 -9.77 2.61 9.14
N SER A 42 -8.60 1.98 9.02
CA SER A 42 -7.90 1.44 10.17
C SER A 42 -6.89 2.45 10.71
N SER A 43 -7.31 3.71 10.79
CA SER A 43 -6.43 4.78 11.28
C SER A 43 -5.26 4.99 10.33
N GLY A 44 -5.53 4.98 9.03
CA GLY A 44 -4.50 5.18 8.05
C GLY A 44 -4.47 6.59 7.50
N GLY A 1 5.69 -6.17 19.54
CA GLY A 1 6.21 -5.20 20.49
C GLY A 1 5.21 -4.12 20.85
N SER A 2 5.42 -3.46 21.99
CA SER A 2 4.53 -2.41 22.43
C SER A 2 4.32 -1.36 21.34
N SER A 3 5.43 -0.87 20.79
CA SER A 3 5.37 0.14 19.74
C SER A 3 5.94 -0.40 18.44
N GLY A 4 5.34 0.00 17.32
CA GLY A 4 5.81 -0.45 16.02
C GLY A 4 5.18 -1.77 15.62
N SER A 5 3.90 -1.94 15.89
CA SER A 5 3.20 -3.16 15.56
C SER A 5 2.17 -2.92 14.45
N SER A 6 1.40 -1.85 14.60
CA SER A 6 0.37 -1.50 13.61
C SER A 6 1.01 -1.18 12.25
N GLY A 7 1.22 -2.21 11.45
CA GLY A 7 1.83 -2.01 10.14
C GLY A 7 2.96 -1.00 10.17
N THR A 8 4.14 -1.45 10.56
CA THR A 8 5.31 -0.57 10.63
C THR A 8 5.43 0.28 9.39
N GLY A 9 5.19 -0.33 8.22
CA GLY A 9 5.28 0.40 6.97
C GLY A 9 6.68 0.40 6.41
N MET A 10 7.23 1.60 6.22
CA MET A 10 8.59 1.74 5.68
C MET A 10 8.73 0.96 4.38
N LYS A 11 7.68 0.98 3.55
CA LYS A 11 7.70 0.28 2.28
C LYS A 11 7.77 1.26 1.11
N PRO A 12 8.32 0.80 -0.02
CA PRO A 12 8.46 1.63 -1.22
C PRO A 12 7.12 1.91 -1.88
N TYR A 13 6.72 1.05 -2.81
CA TYR A 13 5.45 1.21 -3.51
C TYR A 13 4.41 0.22 -3.01
N VAL A 14 4.71 -0.40 -1.87
CA VAL A 14 3.80 -1.37 -1.28
C VAL A 14 2.61 -0.69 -0.60
N CYS A 15 1.44 -1.29 -0.74
CA CYS A 15 0.22 -0.72 -0.14
C CYS A 15 0.31 -0.75 1.38
N ASN A 16 0.19 0.43 1.99
CA ASN A 16 0.26 0.54 3.45
C ASN A 16 -1.10 0.24 4.08
N GLU A 17 -1.94 -0.50 3.35
CA GLU A 17 -3.27 -0.84 3.83
C GLU A 17 -3.48 -2.36 3.80
N CYS A 18 -3.10 -2.98 2.69
CA CYS A 18 -3.24 -4.43 2.54
C CYS A 18 -1.88 -5.10 2.47
N GLY A 19 -0.91 -4.41 1.89
CA GLY A 19 0.43 -4.96 1.78
C GLY A 19 0.77 -5.35 0.36
N LYS A 20 0.01 -4.85 -0.61
CA LYS A 20 0.23 -5.15 -2.01
C LYS A 20 1.51 -4.48 -2.52
N ALA A 21 2.51 -5.30 -2.85
CA ALA A 21 3.78 -4.79 -3.35
C ALA A 21 3.75 -4.63 -4.87
N PHE A 22 4.26 -3.51 -5.36
CA PHE A 22 4.29 -3.25 -6.79
C PHE A 22 5.71 -2.91 -7.25
N ARG A 23 5.85 -2.65 -8.54
CA ARG A 23 7.16 -2.32 -9.11
C ARG A 23 7.37 -0.81 -9.15
N SER A 24 6.29 -0.07 -9.39
CA SER A 24 6.37 1.39 -9.45
C SER A 24 5.18 2.02 -8.73
N LYS A 25 5.36 3.26 -8.28
CA LYS A 25 4.31 3.98 -7.58
C LYS A 25 3.04 4.07 -8.43
N SER A 26 3.21 4.40 -9.70
CA SER A 26 2.09 4.52 -10.62
C SER A 26 1.27 3.23 -10.66
N TYR A 27 1.92 2.12 -10.32
CA TYR A 27 1.26 0.82 -10.31
C TYR A 27 0.47 0.61 -9.03
N LEU A 28 0.98 1.19 -7.94
CA LEU A 28 0.33 1.06 -6.64
C LEU A 28 -0.83 2.06 -6.52
N ILE A 29 -0.62 3.26 -7.03
CA ILE A 29 -1.64 4.30 -6.98
C ILE A 29 -2.93 3.84 -7.65
N ILE A 30 -2.79 3.22 -8.83
CA ILE A 30 -3.95 2.73 -9.57
C ILE A 30 -4.66 1.62 -8.80
N HIS A 31 -3.99 1.08 -7.80
CA HIS A 31 -4.56 0.02 -6.98
C HIS A 31 -5.22 0.59 -5.73
N THR A 32 -4.51 1.47 -5.04
CA THR A 32 -5.02 2.09 -3.82
C THR A 32 -6.48 2.51 -4.00
N ARG A 33 -6.78 3.11 -5.14
CA ARG A 33 -8.14 3.56 -5.43
C ARG A 33 -9.14 2.42 -5.24
N THR A 34 -8.74 1.21 -5.61
CA THR A 34 -9.60 0.04 -5.48
C THR A 34 -10.15 -0.08 -4.06
N HIS A 35 -9.51 0.61 -3.13
CA HIS A 35 -9.94 0.57 -1.73
C HIS A 35 -11.10 1.55 -1.49
N THR A 36 -11.72 1.99 -2.58
CA THR A 36 -12.84 2.92 -2.50
C THR A 36 -14.17 2.17 -2.47
N GLY A 37 -14.27 1.12 -3.27
CA GLY A 37 -15.49 0.34 -3.32
C GLY A 37 -15.53 -0.60 -4.51
N GLU A 38 -14.36 -1.12 -4.89
CA GLU A 38 -14.27 -2.03 -6.02
C GLU A 38 -13.58 -3.33 -5.61
N SER A 39 -13.95 -3.84 -4.44
CA SER A 39 -13.36 -5.08 -3.93
C SER A 39 -14.44 -6.12 -3.66
N GLY A 40 -14.67 -7.00 -4.63
CA GLY A 40 -15.68 -8.03 -4.46
C GLY A 40 -15.07 -9.42 -4.34
N PRO A 41 -14.65 -9.77 -3.11
CA PRO A 41 -14.05 -11.08 -2.83
C PRO A 41 -15.05 -12.22 -2.93
N SER A 42 -14.58 -13.44 -2.71
CA SER A 42 -15.44 -14.62 -2.77
C SER A 42 -16.75 -14.38 -2.03
N SER A 43 -17.87 -14.71 -2.68
CA SER A 43 -19.18 -14.52 -2.08
C SER A 43 -19.85 -15.86 -1.81
N GLY A 44 -19.07 -16.82 -1.31
CA GLY A 44 -19.60 -18.14 -1.03
C GLY A 44 -20.42 -18.70 -2.18
N GLY A 1 -1.58 13.31 23.73
CA GLY A 1 -0.43 12.71 23.08
C GLY A 1 -0.36 13.03 21.60
N SER A 2 0.74 12.65 20.96
CA SER A 2 0.92 12.90 19.54
C SER A 2 1.13 11.60 18.78
N SER A 3 1.02 11.67 17.46
CA SER A 3 1.20 10.50 16.61
C SER A 3 2.67 10.21 16.35
N GLY A 4 3.29 9.47 17.25
CA GLY A 4 4.70 9.13 17.10
C GLY A 4 4.95 7.64 17.08
N SER A 5 6.21 7.26 16.91
CA SER A 5 6.57 5.84 16.87
C SER A 5 5.60 5.06 15.99
N SER A 6 5.24 5.64 14.86
CA SER A 6 4.32 5.00 13.93
C SER A 6 5.01 4.69 12.60
N GLY A 7 6.25 4.20 12.69
CA GLY A 7 6.99 3.87 11.49
C GLY A 7 7.39 5.10 10.70
N THR A 8 8.43 4.96 9.88
CA THR A 8 8.91 6.07 9.06
C THR A 8 9.17 5.63 7.63
N GLY A 9 8.13 5.64 6.81
CA GLY A 9 8.27 5.24 5.42
C GLY A 9 9.28 4.12 5.24
N MET A 10 8.82 2.88 5.35
CA MET A 10 9.69 1.72 5.20
C MET A 10 9.44 1.02 3.87
N LYS A 11 8.17 0.85 3.53
CA LYS A 11 7.79 0.19 2.29
C LYS A 11 7.85 1.18 1.11
N PRO A 12 8.35 0.70 -0.04
CA PRO A 12 8.47 1.51 -1.25
C PRO A 12 7.11 1.85 -1.86
N TYR A 13 6.65 0.99 -2.77
CA TYR A 13 5.37 1.19 -3.42
C TYR A 13 4.33 0.20 -2.92
N VAL A 14 4.59 -0.40 -1.77
CA VAL A 14 3.69 -1.38 -1.19
C VAL A 14 2.47 -0.70 -0.56
N CYS A 15 1.33 -1.37 -0.63
CA CYS A 15 0.09 -0.83 -0.09
C CYS A 15 0.07 -0.98 1.44
N ASN A 16 0.21 0.14 2.14
CA ASN A 16 0.20 0.13 3.60
C ASN A 16 -1.18 -0.25 4.13
N GLU A 17 -2.13 -0.41 3.22
CA GLU A 17 -3.50 -0.77 3.61
C GLU A 17 -3.67 -2.28 3.62
N CYS A 18 -3.30 -2.93 2.52
CA CYS A 18 -3.42 -4.38 2.40
C CYS A 18 -2.04 -5.03 2.39
N GLY A 19 -1.06 -4.32 1.84
CA GLY A 19 0.29 -4.85 1.77
C GLY A 19 0.68 -5.24 0.36
N LYS A 20 -0.09 -4.79 -0.62
CA LYS A 20 0.18 -5.10 -2.02
C LYS A 20 1.48 -4.44 -2.47
N ALA A 21 2.49 -5.25 -2.77
CA ALA A 21 3.77 -4.75 -3.23
C ALA A 21 3.81 -4.63 -4.75
N PHE A 22 4.22 -3.46 -5.23
CA PHE A 22 4.29 -3.22 -6.66
C PHE A 22 5.72 -2.87 -7.09
N ARG A 23 5.93 -2.72 -8.39
CA ARG A 23 7.25 -2.39 -8.91
C ARG A 23 7.44 -0.88 -9.00
N SER A 24 6.36 -0.17 -9.32
CA SER A 24 6.42 1.27 -9.44
C SER A 24 5.35 1.94 -8.56
N LYS A 25 5.45 3.24 -8.40
CA LYS A 25 4.50 4.00 -7.59
C LYS A 25 3.14 4.09 -8.28
N SER A 26 3.16 4.37 -9.58
CA SER A 26 1.94 4.48 -10.35
C SER A 26 1.09 3.22 -10.22
N TYR A 27 1.75 2.09 -10.07
CA TYR A 27 1.06 0.81 -9.94
C TYR A 27 0.32 0.72 -8.61
N LEU A 28 0.88 1.37 -7.59
CA LEU A 28 0.26 1.37 -6.27
C LEU A 28 -0.89 2.38 -6.20
N ILE A 29 -0.76 3.47 -6.94
CA ILE A 29 -1.78 4.50 -6.96
C ILE A 29 -3.04 4.00 -7.69
N ILE A 30 -2.84 3.34 -8.82
CA ILE A 30 -3.95 2.82 -9.61
C ILE A 30 -4.66 1.69 -8.86
N HIS A 31 -3.99 1.14 -7.86
CA HIS A 31 -4.56 0.07 -7.06
C HIS A 31 -5.25 0.61 -5.81
N THR A 32 -4.50 1.36 -5.02
CA THR A 32 -5.02 1.94 -3.79
C THR A 32 -6.41 2.52 -4.01
N ARG A 33 -6.70 2.91 -5.26
CA ARG A 33 -7.99 3.48 -5.60
C ARG A 33 -9.10 2.44 -5.46
N THR A 34 -8.82 1.22 -5.89
CA THR A 34 -9.79 0.14 -5.81
C THR A 34 -10.38 0.02 -4.41
N HIS A 35 -9.57 0.33 -3.41
CA HIS A 35 -10.02 0.27 -2.02
C HIS A 35 -11.31 1.04 -1.83
N THR A 36 -11.63 1.90 -2.79
CA THR A 36 -12.85 2.72 -2.73
C THR A 36 -14.09 1.83 -2.76
N GLY A 37 -14.13 0.89 -3.69
CA GLY A 37 -15.27 0.00 -3.81
C GLY A 37 -14.98 -1.37 -3.24
N GLU A 38 -14.27 -1.42 -2.11
CA GLU A 38 -13.93 -2.67 -1.47
C GLU A 38 -14.76 -2.89 -0.21
N SER A 39 -14.58 -2.01 0.77
CA SER A 39 -15.32 -2.09 2.02
C SER A 39 -16.51 -1.15 2.03
N GLY A 40 -16.25 0.12 1.71
CA GLY A 40 -17.31 1.11 1.68
C GLY A 40 -16.93 2.35 0.90
N PRO A 41 -17.94 3.11 0.46
CA PRO A 41 -17.73 4.34 -0.31
C PRO A 41 -17.13 5.46 0.53
N SER A 42 -16.03 6.02 0.07
CA SER A 42 -15.36 7.10 0.78
C SER A 42 -15.08 8.28 -0.15
N SER A 43 -15.69 9.42 0.15
CA SER A 43 -15.51 10.62 -0.66
C SER A 43 -14.10 11.18 -0.49
N GLY A 44 -13.54 11.69 -1.59
CA GLY A 44 -12.20 12.26 -1.54
C GLY A 44 -12.16 13.72 -1.95
N GLY A 1 30.43 9.49 -4.69
CA GLY A 1 29.90 10.41 -3.70
C GLY A 1 28.39 10.40 -3.64
N SER A 2 27.83 9.30 -3.14
CA SER A 2 26.39 9.16 -3.03
C SER A 2 25.95 9.23 -1.57
N SER A 3 26.43 8.29 -0.76
CA SER A 3 26.08 8.25 0.66
C SER A 3 24.57 8.17 0.85
N GLY A 4 23.92 7.35 0.02
CA GLY A 4 22.48 7.19 0.11
C GLY A 4 22.00 5.89 -0.48
N SER A 5 20.81 5.91 -1.08
CA SER A 5 20.24 4.71 -1.69
C SER A 5 20.56 3.47 -0.86
N SER A 6 20.46 3.61 0.46
CA SER A 6 20.74 2.51 1.36
C SER A 6 19.46 2.03 2.07
N GLY A 7 18.82 2.95 2.78
CA GLY A 7 17.59 2.61 3.48
C GLY A 7 16.55 3.71 3.41
N THR A 8 15.47 3.45 2.69
CA THR A 8 14.39 4.43 2.54
C THR A 8 13.61 4.59 3.84
N GLY A 9 13.21 3.47 4.43
CA GLY A 9 12.46 3.50 5.67
C GLY A 9 11.14 2.76 5.57
N MET A 10 10.08 3.48 5.24
CA MET A 10 8.75 2.89 5.11
C MET A 10 8.63 2.13 3.80
N LYS A 11 7.52 1.41 3.64
CA LYS A 11 7.27 0.64 2.43
C LYS A 11 7.40 1.52 1.20
N PRO A 12 8.02 0.96 0.13
CA PRO A 12 8.21 1.69 -1.13
C PRO A 12 6.90 1.88 -1.88
N TYR A 13 6.57 0.93 -2.74
CA TYR A 13 5.35 0.99 -3.53
C TYR A 13 4.31 0.00 -3.02
N VAL A 14 4.62 -0.64 -1.90
CA VAL A 14 3.71 -1.62 -1.30
C VAL A 14 2.54 -0.94 -0.61
N CYS A 15 1.37 -1.56 -0.69
CA CYS A 15 0.16 -1.01 -0.08
C CYS A 15 0.26 -1.08 1.44
N ASN A 16 0.20 0.09 2.08
CA ASN A 16 0.28 0.17 3.53
C ASN A 16 -1.09 -0.05 4.16
N GLU A 17 -1.93 -0.84 3.48
CA GLU A 17 -3.27 -1.14 3.98
C GLU A 17 -3.56 -2.63 3.88
N CYS A 18 -3.10 -3.26 2.80
CA CYS A 18 -3.32 -4.68 2.58
C CYS A 18 -1.99 -5.43 2.51
N GLY A 19 -1.01 -4.80 1.87
CA GLY A 19 0.30 -5.42 1.73
C GLY A 19 0.63 -5.78 0.30
N LYS A 20 -0.06 -5.14 -0.65
CA LYS A 20 0.16 -5.40 -2.06
C LYS A 20 1.42 -4.71 -2.55
N ALA A 21 2.43 -5.50 -2.89
CA ALA A 21 3.69 -4.96 -3.38
C ALA A 21 3.66 -4.79 -4.90
N PHE A 22 4.23 -3.68 -5.37
CA PHE A 22 4.28 -3.41 -6.80
C PHE A 22 5.70 -3.08 -7.26
N ARG A 23 5.85 -2.79 -8.54
CA ARG A 23 7.16 -2.48 -9.10
C ARG A 23 7.39 -0.97 -9.12
N SER A 24 6.34 -0.22 -9.43
CA SER A 24 6.42 1.24 -9.49
C SER A 24 5.39 1.88 -8.56
N LYS A 25 5.50 3.19 -8.39
CA LYS A 25 4.58 3.93 -7.52
C LYS A 25 3.23 4.10 -8.21
N SER A 26 3.25 4.26 -9.52
CA SER A 26 2.02 4.44 -10.29
C SER A 26 1.12 3.21 -10.17
N TYR A 27 1.74 2.04 -10.07
CA TYR A 27 0.99 0.79 -9.96
C TYR A 27 0.24 0.73 -8.63
N LEU A 28 0.83 1.28 -7.59
CA LEU A 28 0.21 1.30 -6.28
C LEU A 28 -0.86 2.38 -6.19
N ILE A 29 -0.68 3.45 -6.94
CA ILE A 29 -1.63 4.56 -6.95
C ILE A 29 -2.93 4.15 -7.64
N ILE A 30 -2.81 3.39 -8.71
CA ILE A 30 -3.98 2.93 -9.45
C ILE A 30 -4.69 1.80 -8.71
N HIS A 31 -4.00 1.19 -7.76
CA HIS A 31 -4.56 0.09 -6.98
C HIS A 31 -5.17 0.62 -5.68
N THR A 32 -4.48 1.55 -5.04
CA THR A 32 -4.94 2.12 -3.79
C THR A 32 -6.31 2.77 -3.95
N ARG A 33 -6.60 3.25 -5.16
CA ARG A 33 -7.88 3.88 -5.45
C ARG A 33 -9.01 2.86 -5.44
N THR A 34 -8.73 1.68 -5.96
CA THR A 34 -9.72 0.61 -6.02
C THR A 34 -10.24 0.27 -4.62
N HIS A 35 -9.40 0.48 -3.61
CA HIS A 35 -9.78 0.19 -2.23
C HIS A 35 -10.99 1.02 -1.82
N THR A 36 -11.17 2.17 -2.48
CA THR A 36 -12.28 3.05 -2.18
C THR A 36 -13.61 2.45 -2.65
N GLY A 37 -13.60 1.90 -3.85
CA GLY A 37 -14.80 1.29 -4.40
C GLY A 37 -15.37 2.07 -5.56
N GLU A 38 -14.49 2.57 -6.43
CA GLU A 38 -14.92 3.35 -7.59
C GLU A 38 -14.82 2.51 -8.86
N SER A 39 -15.23 1.26 -8.78
CA SER A 39 -15.18 0.35 -9.93
C SER A 39 -16.29 0.68 -10.92
N GLY A 40 -15.91 0.90 -12.18
CA GLY A 40 -16.90 1.22 -13.21
C GLY A 40 -16.36 2.20 -14.22
N PRO A 41 -17.29 2.94 -14.87
CA PRO A 41 -16.92 3.93 -15.89
C PRO A 41 -16.23 5.16 -15.29
N SER A 42 -16.01 5.11 -13.98
CA SER A 42 -15.36 6.22 -13.28
C SER A 42 -14.20 6.77 -14.11
N SER A 43 -13.78 7.98 -13.77
CA SER A 43 -12.68 8.63 -14.47
C SER A 43 -12.07 9.74 -13.62
N GLY A 44 -10.77 9.99 -13.84
CA GLY A 44 -10.08 11.03 -13.08
C GLY A 44 -8.60 11.10 -13.41
N GLY A 1 32.32 -2.89 14.41
CA GLY A 1 31.88 -3.59 13.21
C GLY A 1 31.83 -2.67 12.00
N SER A 2 32.97 -2.47 11.36
CA SER A 2 33.05 -1.61 10.18
C SER A 2 31.82 -1.79 9.29
N SER A 3 31.43 -3.04 9.08
CA SER A 3 30.28 -3.36 8.25
C SER A 3 29.10 -2.46 8.59
N GLY A 4 28.70 -2.45 9.86
CA GLY A 4 27.59 -1.63 10.30
C GLY A 4 26.44 -1.65 9.31
N SER A 5 25.53 -2.60 9.47
CA SER A 5 24.37 -2.72 8.60
C SER A 5 23.38 -1.60 8.84
N SER A 6 23.33 -0.66 7.91
CA SER A 6 22.41 0.48 8.03
C SER A 6 21.86 0.87 6.66
N GLY A 7 20.70 1.53 6.66
CA GLY A 7 20.08 1.95 5.43
C GLY A 7 18.58 1.74 5.43
N THR A 8 17.84 2.82 5.15
CA THR A 8 16.38 2.75 5.13
C THR A 8 15.86 2.73 3.70
N GLY A 9 14.93 1.81 3.43
CA GLY A 9 14.37 1.69 2.10
C GLY A 9 13.46 0.49 1.95
N MET A 10 12.26 0.58 2.52
CA MET A 10 11.30 -0.52 2.45
C MET A 10 9.87 0.01 2.45
N LYS A 11 8.96 -0.75 1.86
CA LYS A 11 7.56 -0.35 1.79
C LYS A 11 7.40 0.98 1.06
N PRO A 12 8.13 1.14 -0.05
CA PRO A 12 8.09 2.36 -0.86
C PRO A 12 6.76 2.53 -1.60
N TYR A 13 6.38 1.49 -2.34
CA TYR A 13 5.12 1.52 -3.09
C TYR A 13 4.13 0.48 -2.55
N VAL A 14 4.46 -0.09 -1.40
CA VAL A 14 3.61 -1.09 -0.77
C VAL A 14 2.39 -0.45 -0.12
N CYS A 15 1.22 -1.02 -0.38
CA CYS A 15 -0.02 -0.51 0.18
C CYS A 15 0.00 -0.57 1.70
N ASN A 16 -0.11 0.60 2.34
CA ASN A 16 -0.09 0.68 3.80
C ASN A 16 -1.48 0.42 4.37
N GLU A 17 -2.32 -0.24 3.57
CA GLU A 17 -3.68 -0.55 4.00
C GLU A 17 -3.93 -2.06 3.95
N CYS A 18 -3.38 -2.70 2.92
CA CYS A 18 -3.54 -4.14 2.76
C CYS A 18 -2.19 -4.85 2.74
N GLY A 19 -1.19 -4.17 2.20
CA GLY A 19 0.15 -4.75 2.13
C GLY A 19 0.53 -5.15 0.72
N LYS A 20 -0.17 -4.61 -0.27
CA LYS A 20 0.10 -4.92 -1.66
C LYS A 20 1.40 -4.25 -2.12
N ALA A 21 2.41 -5.07 -2.38
CA ALA A 21 3.70 -4.57 -2.83
C ALA A 21 3.75 -4.46 -4.35
N PHE A 22 4.32 -3.38 -4.85
CA PHE A 22 4.42 -3.15 -6.29
C PHE A 22 5.85 -2.80 -6.68
N ARG A 23 6.06 -2.48 -7.95
CA ARG A 23 7.38 -2.11 -8.46
C ARG A 23 7.54 -0.60 -8.50
N SER A 24 6.46 0.10 -8.82
CA SER A 24 6.49 1.55 -8.90
C SER A 24 5.30 2.16 -8.17
N LYS A 25 5.35 3.48 -7.96
CA LYS A 25 4.28 4.18 -7.27
C LYS A 25 3.00 4.20 -8.12
N SER A 26 3.17 4.42 -9.42
CA SER A 26 2.04 4.46 -10.34
C SER A 26 1.19 3.20 -10.21
N TYR A 27 1.84 2.09 -9.92
CA TYR A 27 1.14 0.81 -9.78
C TYR A 27 0.34 0.77 -8.48
N LEU A 28 0.89 1.39 -7.43
CA LEU A 28 0.23 1.42 -6.13
C LEU A 28 -0.91 2.44 -6.13
N ILE A 29 -0.80 3.44 -7.00
CA ILE A 29 -1.82 4.48 -7.10
C ILE A 29 -3.06 3.95 -7.79
N ILE A 30 -2.87 3.27 -8.92
CA ILE A 30 -3.98 2.71 -9.68
C ILE A 30 -4.67 1.59 -8.91
N HIS A 31 -4.01 1.11 -7.86
CA HIS A 31 -4.56 0.04 -7.03
C HIS A 31 -5.29 0.61 -5.82
N THR A 32 -4.59 1.44 -5.05
CA THR A 32 -5.17 2.05 -3.86
C THR A 32 -6.57 2.58 -4.15
N ARG A 33 -6.86 2.82 -5.42
CA ARG A 33 -8.17 3.32 -5.83
C ARG A 33 -9.18 2.19 -5.98
N THR A 34 -8.71 1.04 -6.43
CA THR A 34 -9.57 -0.12 -6.62
C THR A 34 -10.29 -0.48 -5.33
N HIS A 35 -9.64 -0.20 -4.20
CA HIS A 35 -10.22 -0.49 -2.89
C HIS A 35 -11.67 -0.01 -2.83
N THR A 36 -12.02 0.91 -3.71
CA THR A 36 -13.37 1.47 -3.74
C THR A 36 -14.21 0.78 -4.81
N GLY A 37 -14.11 -0.53 -4.90
CA GLY A 37 -14.86 -1.28 -5.88
C GLY A 37 -15.36 -2.61 -5.34
N GLU A 38 -14.56 -3.65 -5.52
CA GLU A 38 -14.92 -4.98 -5.05
C GLU A 38 -14.80 -5.08 -3.53
N SER A 39 -15.94 -5.17 -2.85
CA SER A 39 -15.97 -5.25 -1.40
C SER A 39 -16.36 -6.66 -0.94
N GLY A 40 -15.38 -7.55 -0.90
CA GLY A 40 -15.65 -8.92 -0.48
C GLY A 40 -15.74 -9.05 1.03
N PRO A 41 -14.62 -8.80 1.72
CA PRO A 41 -14.56 -8.89 3.19
C PRO A 41 -15.35 -7.79 3.87
N SER A 42 -15.66 -6.73 3.12
CA SER A 42 -16.42 -5.61 3.67
C SER A 42 -17.74 -5.44 2.92
N SER A 43 -18.58 -4.54 3.42
CA SER A 43 -19.88 -4.28 2.81
C SER A 43 -19.99 -2.82 2.36
N GLY A 44 -19.64 -1.91 3.26
CA GLY A 44 -19.71 -0.49 2.95
C GLY A 44 -20.00 0.36 4.17
N GLY A 1 28.66 13.22 16.66
CA GLY A 1 28.58 12.39 17.85
C GLY A 1 27.22 11.74 18.00
N SER A 2 26.46 12.17 19.01
CA SER A 2 25.13 11.62 19.26
C SER A 2 24.11 12.18 18.27
N SER A 3 23.62 11.32 17.39
CA SER A 3 22.64 11.72 16.38
C SER A 3 21.72 10.57 16.02
N GLY A 4 20.44 10.87 15.84
CA GLY A 4 19.47 9.84 15.50
C GLY A 4 19.29 9.71 14.00
N SER A 5 19.41 8.49 13.50
CA SER A 5 19.27 8.22 12.07
C SER A 5 17.90 8.70 11.57
N SER A 6 17.83 9.03 10.28
CA SER A 6 16.59 9.50 9.69
C SER A 6 15.85 8.36 8.99
N GLY A 7 14.58 8.18 9.33
CA GLY A 7 13.78 7.13 8.74
C GLY A 7 12.45 7.63 8.21
N THR A 8 12.36 7.78 6.89
CA THR A 8 11.13 8.26 6.26
C THR A 8 10.46 7.15 5.46
N GLY A 9 9.42 6.57 6.04
CA GLY A 9 8.70 5.50 5.37
C GLY A 9 9.48 4.19 5.35
N MET A 10 8.77 3.09 5.34
CA MET A 10 9.40 1.77 5.31
C MET A 10 9.12 1.06 3.99
N LYS A 11 7.85 0.97 3.62
CA LYS A 11 7.46 0.32 2.37
C LYS A 11 7.55 1.28 1.20
N PRO A 12 8.14 0.82 0.09
CA PRO A 12 8.30 1.63 -1.12
C PRO A 12 6.96 1.89 -1.82
N TYR A 13 6.60 1.01 -2.75
CA TYR A 13 5.36 1.15 -3.48
C TYR A 13 4.31 0.14 -3.00
N VAL A 14 4.58 -0.44 -1.84
CA VAL A 14 3.67 -1.43 -1.26
C VAL A 14 2.45 -0.75 -0.63
N CYS A 15 1.30 -1.40 -0.71
CA CYS A 15 0.07 -0.86 -0.15
C CYS A 15 0.06 -0.97 1.36
N ASN A 16 0.12 0.17 2.04
CA ASN A 16 0.11 0.20 3.50
C ASN A 16 -1.26 -0.16 4.05
N GLU A 17 -2.19 -0.49 3.16
CA GLU A 17 -3.55 -0.85 3.55
C GLU A 17 -3.71 -2.37 3.59
N CYS A 18 -3.31 -3.03 2.51
CA CYS A 18 -3.42 -4.48 2.42
C CYS A 18 -2.03 -5.13 2.40
N GLY A 19 -1.08 -4.43 1.81
CA GLY A 19 0.28 -4.95 1.74
C GLY A 19 0.68 -5.33 0.32
N LYS A 20 -0.14 -4.95 -0.65
CA LYS A 20 0.13 -5.25 -2.05
C LYS A 20 1.39 -4.56 -2.52
N ALA A 21 2.41 -5.35 -2.84
CA ALA A 21 3.68 -4.81 -3.31
C ALA A 21 3.69 -4.65 -4.83
N PHE A 22 4.30 -3.56 -5.30
CA PHE A 22 4.37 -3.30 -6.74
C PHE A 22 5.79 -2.96 -7.16
N ARG A 23 5.95 -2.59 -8.42
CA ARG A 23 7.27 -2.24 -8.96
C ARG A 23 7.47 -0.73 -8.95
N SER A 24 6.40 0.01 -9.26
CA SER A 24 6.46 1.46 -9.31
C SER A 24 5.30 2.08 -8.53
N LYS A 25 5.36 3.38 -8.31
CA LYS A 25 4.32 4.09 -7.59
C LYS A 25 3.04 4.19 -8.42
N SER A 26 3.22 4.32 -9.74
CA SER A 26 2.08 4.43 -10.65
C SER A 26 1.21 3.18 -10.57
N TYR A 27 1.83 2.04 -10.33
CA TYR A 27 1.10 0.78 -10.23
C TYR A 27 0.33 0.69 -8.93
N LEU A 28 0.96 1.14 -7.84
CA LEU A 28 0.34 1.12 -6.52
C LEU A 28 -0.76 2.19 -6.42
N ILE A 29 -0.53 3.32 -7.08
CA ILE A 29 -1.49 4.41 -7.06
C ILE A 29 -2.81 3.98 -7.69
N ILE A 30 -2.72 3.29 -8.82
CA ILE A 30 -3.91 2.81 -9.52
C ILE A 30 -4.60 1.70 -8.76
N HIS A 31 -3.91 1.16 -7.75
CA HIS A 31 -4.46 0.09 -6.93
C HIS A 31 -5.12 0.64 -5.68
N THR A 32 -4.37 1.43 -4.92
CA THR A 32 -4.88 2.04 -3.70
C THR A 32 -6.31 2.52 -3.88
N ARG A 33 -6.64 2.91 -5.10
CA ARG A 33 -7.99 3.40 -5.41
C ARG A 33 -9.03 2.32 -5.19
N THR A 34 -8.71 1.10 -5.61
CA THR A 34 -9.62 -0.03 -5.47
C THR A 34 -10.22 -0.07 -4.07
N HIS A 35 -9.53 0.54 -3.11
CA HIS A 35 -9.99 0.59 -1.73
C HIS A 35 -11.05 1.67 -1.55
N THR A 36 -11.59 2.17 -2.66
CA THR A 36 -12.61 3.21 -2.62
C THR A 36 -14.01 2.61 -2.67
N GLY A 37 -14.18 1.58 -3.50
CA GLY A 37 -15.48 0.94 -3.62
C GLY A 37 -15.43 -0.53 -3.25
N GLU A 38 -15.40 -0.80 -1.94
CA GLU A 38 -15.36 -2.17 -1.45
C GLU A 38 -16.77 -2.70 -1.18
N SER A 39 -17.09 -3.83 -1.78
CA SER A 39 -18.41 -4.45 -1.61
C SER A 39 -18.94 -4.21 -0.19
N GLY A 40 -18.20 -4.68 0.80
CA GLY A 40 -18.61 -4.51 2.18
C GLY A 40 -17.88 -3.36 2.85
N PRO A 41 -18.34 -3.00 4.07
CA PRO A 41 -17.75 -1.91 4.84
C PRO A 41 -16.36 -2.25 5.36
N SER A 42 -15.61 -1.22 5.74
CA SER A 42 -14.26 -1.41 6.26
C SER A 42 -14.27 -2.19 7.57
N SER A 43 -13.80 -3.42 7.52
CA SER A 43 -13.76 -4.28 8.70
C SER A 43 -12.34 -4.39 9.25
N GLY A 44 -12.22 -4.91 10.46
CA GLY A 44 -10.91 -5.06 11.08
C GLY A 44 -10.42 -3.78 11.72
N GLY A 1 7.52 -5.99 29.23
CA GLY A 1 7.19 -5.16 28.08
C GLY A 1 8.13 -5.38 26.92
N SER A 2 7.66 -6.11 25.91
CA SER A 2 8.47 -6.39 24.73
C SER A 2 8.34 -5.28 23.69
N SER A 3 8.35 -4.04 24.16
CA SER A 3 8.21 -2.88 23.28
C SER A 3 9.39 -1.93 23.46
N GLY A 4 9.95 -1.48 22.34
CA GLY A 4 11.08 -0.56 22.40
C GLY A 4 11.82 -0.47 21.07
N SER A 5 11.21 0.25 20.12
CA SER A 5 11.82 0.42 18.80
C SER A 5 11.02 1.42 17.97
N SER A 6 11.58 2.61 17.80
CA SER A 6 10.92 3.65 17.03
C SER A 6 11.84 4.17 15.93
N GLY A 7 11.82 3.50 14.78
CA GLY A 7 12.66 3.91 13.67
C GLY A 7 12.81 2.83 12.63
N THR A 8 11.72 2.11 12.35
CA THR A 8 11.73 1.04 11.36
C THR A 8 10.33 0.74 10.85
N GLY A 9 10.16 0.84 9.53
CA GLY A 9 8.86 0.59 8.93
C GLY A 9 8.56 1.51 7.77
N MET A 10 9.26 1.31 6.66
CA MET A 10 9.06 2.13 5.47
C MET A 10 9.06 1.28 4.21
N LYS A 11 7.93 1.23 3.52
CA LYS A 11 7.80 0.46 2.30
C LYS A 11 7.88 1.36 1.07
N PRO A 12 8.38 0.81 -0.04
CA PRO A 12 8.52 1.54 -1.30
C PRO A 12 7.18 1.85 -1.94
N TYR A 13 6.70 0.95 -2.79
CA TYR A 13 5.42 1.13 -3.47
C TYR A 13 4.39 0.14 -2.95
N VAL A 14 4.68 -0.47 -1.81
CA VAL A 14 3.78 -1.44 -1.20
C VAL A 14 2.61 -0.74 -0.52
N CYS A 15 1.41 -1.27 -0.73
CA CYS A 15 0.20 -0.70 -0.13
C CYS A 15 0.29 -0.72 1.39
N ASN A 16 0.21 0.46 2.00
CA ASN A 16 0.27 0.58 3.45
C ASN A 16 -1.10 0.35 4.07
N GLU A 17 -1.93 -0.45 3.41
CA GLU A 17 -3.27 -0.74 3.90
C GLU A 17 -3.55 -2.25 3.86
N CYS A 18 -3.12 -2.89 2.77
CA CYS A 18 -3.34 -4.32 2.61
C CYS A 18 -1.99 -5.06 2.55
N GLY A 19 -1.02 -4.46 1.87
CA GLY A 19 0.29 -5.07 1.75
C GLY A 19 0.63 -5.44 0.32
N LYS A 20 -0.12 -4.88 -0.63
CA LYS A 20 0.12 -5.15 -2.04
C LYS A 20 1.40 -4.49 -2.52
N ALA A 21 2.40 -5.30 -2.84
CA ALA A 21 3.68 -4.79 -3.31
C ALA A 21 3.69 -4.66 -4.82
N PHE A 22 4.08 -3.48 -5.31
CA PHE A 22 4.14 -3.23 -6.75
C PHE A 22 5.57 -2.92 -7.19
N ARG A 23 5.73 -2.71 -8.50
CA ARG A 23 7.05 -2.41 -9.05
C ARG A 23 7.30 -0.90 -9.08
N SER A 24 6.23 -0.13 -9.27
CA SER A 24 6.32 1.31 -9.33
C SER A 24 5.19 1.97 -8.55
N LYS A 25 5.34 3.25 -8.26
CA LYS A 25 4.32 4.00 -7.52
C LYS A 25 3.02 4.09 -8.32
N SER A 26 3.13 4.44 -9.60
CA SER A 26 1.96 4.56 -10.47
C SER A 26 1.16 3.26 -10.47
N TYR A 27 1.85 2.14 -10.28
CA TYR A 27 1.19 0.84 -10.26
C TYR A 27 0.44 0.62 -8.95
N LEU A 28 0.93 1.24 -7.88
CA LEU A 28 0.31 1.11 -6.57
C LEU A 28 -0.81 2.12 -6.41
N ILE A 29 -0.63 3.30 -6.98
CA ILE A 29 -1.65 4.36 -6.91
C ILE A 29 -2.93 3.93 -7.61
N ILE A 30 -2.80 3.32 -8.77
CA ILE A 30 -3.95 2.86 -9.54
C ILE A 30 -4.71 1.78 -8.78
N HIS A 31 -4.06 1.18 -7.80
CA HIS A 31 -4.69 0.13 -6.98
C HIS A 31 -5.30 0.73 -5.72
N THR A 32 -4.49 1.44 -4.96
CA THR A 32 -4.95 2.06 -3.71
C THR A 32 -6.35 2.65 -3.88
N ARG A 33 -6.70 2.98 -5.12
CA ARG A 33 -8.01 3.54 -5.42
C ARG A 33 -9.09 2.47 -5.38
N THR A 34 -8.78 1.31 -5.94
CA THR A 34 -9.73 0.20 -5.98
C THR A 34 -10.33 -0.05 -4.61
N HIS A 35 -9.54 0.18 -3.57
CA HIS A 35 -9.99 -0.02 -2.20
C HIS A 35 -11.35 0.63 -1.97
N THR A 36 -11.70 1.57 -2.85
CA THR A 36 -12.97 2.28 -2.74
C THR A 36 -13.86 1.99 -3.94
N GLY A 37 -13.86 0.73 -4.39
CA GLY A 37 -14.67 0.36 -5.53
C GLY A 37 -15.89 -0.46 -5.13
N GLU A 38 -15.70 -1.38 -4.18
CA GLU A 38 -16.80 -2.22 -3.71
C GLU A 38 -17.99 -1.38 -3.28
N SER A 39 -19.17 -1.72 -3.81
CA SER A 39 -20.38 -0.98 -3.48
C SER A 39 -21.56 -1.93 -3.32
N GLY A 40 -22.01 -2.12 -2.08
CA GLY A 40 -23.12 -3.01 -1.82
C GLY A 40 -22.78 -4.10 -0.82
N PRO A 41 -23.81 -4.68 -0.20
CA PRO A 41 -23.63 -5.75 0.79
C PRO A 41 -23.15 -7.06 0.16
N SER A 42 -22.20 -7.71 0.82
CA SER A 42 -21.65 -8.96 0.33
C SER A 42 -22.67 -10.09 0.42
N SER A 43 -23.34 -10.16 1.57
CA SER A 43 -24.34 -11.20 1.80
C SER A 43 -25.63 -10.89 1.04
N GLY A 44 -26.19 -11.92 0.41
CA GLY A 44 -27.42 -11.73 -0.36
C GLY A 44 -28.63 -11.60 0.53
N GLY A 1 23.99 -10.21 21.31
CA GLY A 1 23.79 -10.90 20.05
C GLY A 1 23.22 -10.00 18.97
N SER A 2 22.64 -10.60 17.94
CA SER A 2 22.06 -9.84 16.84
C SER A 2 20.74 -10.47 16.38
N SER A 3 19.66 -9.70 16.50
CA SER A 3 18.34 -10.17 16.12
C SER A 3 17.75 -9.28 15.03
N GLY A 4 17.75 -9.79 13.79
CA GLY A 4 17.20 -9.02 12.68
C GLY A 4 18.27 -8.63 11.67
N SER A 5 18.78 -9.61 10.93
CA SER A 5 19.81 -9.36 9.93
C SER A 5 19.36 -8.28 8.95
N SER A 6 18.16 -8.44 8.42
CA SER A 6 17.60 -7.49 7.46
C SER A 6 16.39 -6.77 8.03
N GLY A 7 16.53 -5.48 8.30
CA GLY A 7 15.44 -4.70 8.84
C GLY A 7 14.90 -3.69 7.86
N THR A 8 13.72 -3.16 8.15
CA THR A 8 13.08 -2.17 7.28
C THR A 8 11.86 -1.55 7.94
N GLY A 9 11.63 -0.27 7.66
CA GLY A 9 10.50 0.42 8.25
C GLY A 9 9.39 0.67 7.24
N MET A 10 9.52 1.74 6.47
CA MET A 10 8.52 2.09 5.47
C MET A 10 8.80 1.39 4.14
N LYS A 11 7.75 0.91 3.48
CA LYS A 11 7.89 0.21 2.21
C LYS A 11 7.93 1.21 1.06
N PRO A 12 8.40 0.75 -0.11
CA PRO A 12 8.49 1.58 -1.31
C PRO A 12 7.12 1.91 -1.90
N TYR A 13 6.64 1.06 -2.80
CA TYR A 13 5.35 1.27 -3.44
C TYR A 13 4.33 0.26 -2.92
N VAL A 14 4.65 -0.38 -1.81
CA VAL A 14 3.76 -1.37 -1.21
C VAL A 14 2.59 -0.71 -0.50
N CYS A 15 1.41 -1.30 -0.65
CA CYS A 15 0.21 -0.76 -0.02
C CYS A 15 0.25 -0.93 1.49
N ASN A 16 0.41 0.17 2.21
CA ASN A 16 0.48 0.13 3.66
C ASN A 16 -0.89 -0.17 4.27
N GLU A 17 -1.88 -0.34 3.40
CA GLU A 17 -3.25 -0.64 3.84
C GLU A 17 -3.51 -2.14 3.81
N CYS A 18 -3.07 -2.79 2.75
CA CYS A 18 -3.25 -4.24 2.60
C CYS A 18 -1.91 -4.95 2.51
N GLY A 19 -0.93 -4.28 1.91
CA GLY A 19 0.39 -4.88 1.77
C GLY A 19 0.72 -5.22 0.34
N LYS A 20 -0.13 -4.80 -0.59
CA LYS A 20 0.08 -5.07 -2.01
C LYS A 20 1.37 -4.41 -2.49
N ALA A 21 2.37 -5.23 -2.81
CA ALA A 21 3.64 -4.73 -3.29
C ALA A 21 3.65 -4.62 -4.81
N PHE A 22 4.04 -3.45 -5.31
CA PHE A 22 4.08 -3.21 -6.75
C PHE A 22 5.50 -2.92 -7.21
N ARG A 23 5.69 -2.84 -8.53
CA ARG A 23 7.00 -2.56 -9.09
C ARG A 23 7.29 -1.07 -9.13
N SER A 24 6.23 -0.27 -9.28
CA SER A 24 6.37 1.18 -9.33
C SER A 24 5.28 1.85 -8.50
N LYS A 25 5.37 3.17 -8.37
CA LYS A 25 4.41 3.94 -7.60
C LYS A 25 3.09 4.08 -8.37
N SER A 26 3.19 4.39 -9.65
CA SER A 26 2.00 4.54 -10.49
C SER A 26 1.16 3.28 -10.48
N TYR A 27 1.81 2.14 -10.29
CA TYR A 27 1.12 0.86 -10.26
C TYR A 27 0.38 0.66 -8.94
N LEU A 28 0.91 1.27 -7.88
CA LEU A 28 0.31 1.16 -6.56
C LEU A 28 -0.81 2.19 -6.39
N ILE A 29 -0.62 3.37 -6.97
CA ILE A 29 -1.61 4.43 -6.89
C ILE A 29 -2.91 4.02 -7.57
N ILE A 30 -2.79 3.40 -8.74
CA ILE A 30 -3.96 2.95 -9.50
C ILE A 30 -4.74 1.90 -8.72
N HIS A 31 -4.08 1.26 -7.76
CA HIS A 31 -4.73 0.24 -6.94
C HIS A 31 -5.29 0.84 -5.66
N THR A 32 -4.49 1.66 -4.98
CA THR A 32 -4.91 2.30 -3.75
C THR A 32 -6.36 2.79 -3.85
N ARG A 33 -6.81 3.05 -5.07
CA ARG A 33 -8.18 3.51 -5.30
C ARG A 33 -9.14 2.34 -5.36
N THR A 34 -8.71 1.24 -5.98
CA THR A 34 -9.55 0.05 -6.11
C THR A 34 -10.17 -0.33 -4.77
N HIS A 35 -9.56 0.14 -3.68
CA HIS A 35 -10.05 -0.16 -2.35
C HIS A 35 -11.49 0.32 -2.18
N THR A 36 -11.95 1.12 -3.14
CA THR A 36 -13.32 1.64 -3.10
C THR A 36 -14.25 0.82 -3.98
N GLY A 37 -14.05 -0.50 -3.98
CA GLY A 37 -14.88 -1.37 -4.78
C GLY A 37 -14.75 -2.83 -4.36
N GLU A 38 -13.53 -3.36 -4.43
CA GLU A 38 -13.28 -4.75 -4.06
C GLU A 38 -12.32 -4.83 -2.88
N SER A 39 -12.86 -5.21 -1.72
CA SER A 39 -12.05 -5.33 -0.51
C SER A 39 -11.10 -6.51 -0.60
N GLY A 40 -11.62 -7.64 -1.09
CA GLY A 40 -10.80 -8.84 -1.21
C GLY A 40 -11.40 -9.85 -2.16
N PRO A 41 -10.89 -11.09 -2.11
CA PRO A 41 -11.37 -12.18 -2.96
C PRO A 41 -12.78 -12.63 -2.58
N SER A 42 -13.58 -12.99 -3.58
CA SER A 42 -14.94 -13.43 -3.36
C SER A 42 -15.02 -14.95 -3.29
N SER A 43 -16.04 -15.46 -2.61
CA SER A 43 -16.22 -16.89 -2.47
C SER A 43 -17.68 -17.29 -2.69
N GLY A 44 -17.90 -18.55 -3.06
CA GLY A 44 -19.25 -19.03 -3.30
C GLY A 44 -19.85 -18.45 -4.57
N GLY A 1 19.16 -10.15 22.10
CA GLY A 1 18.47 -8.91 21.78
C GLY A 1 17.34 -9.12 20.79
N SER A 2 16.24 -9.73 21.26
CA SER A 2 15.10 -9.99 20.40
C SER A 2 14.20 -8.75 20.28
N SER A 3 14.52 -7.90 19.31
CA SER A 3 13.76 -6.68 19.09
C SER A 3 13.29 -6.58 17.64
N GLY A 4 14.22 -6.80 16.71
CA GLY A 4 13.89 -6.72 15.30
C GLY A 4 15.12 -6.72 14.41
N SER A 5 15.18 -7.68 13.50
CA SER A 5 16.32 -7.78 12.58
C SER A 5 16.15 -6.85 11.39
N SER A 6 15.69 -5.63 11.66
CA SER A 6 15.48 -4.65 10.60
C SER A 6 15.09 -3.29 11.20
N GLY A 7 15.49 -2.22 10.53
CA GLY A 7 15.18 -0.89 11.01
C GLY A 7 13.68 -0.67 11.17
N THR A 8 13.11 0.18 10.32
CA THR A 8 11.69 0.47 10.38
C THR A 8 10.91 -0.39 9.39
N GLY A 9 11.34 -0.38 8.14
CA GLY A 9 10.67 -1.17 7.11
C GLY A 9 10.90 -0.63 5.72
N MET A 10 10.90 -1.52 4.73
CA MET A 10 11.11 -1.12 3.35
C MET A 10 9.82 -1.19 2.55
N LYS A 11 9.11 -0.06 2.48
CA LYS A 11 7.86 0.00 1.75
C LYS A 11 7.82 1.24 0.85
N PRO A 12 8.45 1.13 -0.32
CA PRO A 12 8.49 2.24 -1.30
C PRO A 12 7.14 2.50 -1.93
N TYR A 13 6.55 1.46 -2.51
CA TYR A 13 5.25 1.57 -3.16
C TYR A 13 4.26 0.56 -2.61
N VAL A 14 4.58 0.02 -1.43
CA VAL A 14 3.72 -0.98 -0.79
C VAL A 14 2.50 -0.31 -0.17
N CYS A 15 1.34 -0.93 -0.39
CA CYS A 15 0.08 -0.40 0.16
C CYS A 15 0.07 -0.52 1.68
N ASN A 16 0.15 0.64 2.36
CA ASN A 16 0.14 0.67 3.81
C ASN A 16 -1.22 0.24 4.36
N GLU A 17 -2.17 0.03 3.46
CA GLU A 17 -3.52 -0.39 3.85
C GLU A 17 -3.62 -1.91 3.92
N CYS A 18 -3.30 -2.57 2.82
CA CYS A 18 -3.36 -4.03 2.75
C CYS A 18 -1.96 -4.63 2.73
N GLY A 19 -1.01 -3.88 2.17
CA GLY A 19 0.36 -4.35 2.09
C GLY A 19 0.78 -4.69 0.68
N LYS A 20 -0.13 -4.49 -0.27
CA LYS A 20 0.15 -4.77 -1.67
C LYS A 20 1.47 -4.13 -2.11
N ALA A 21 2.48 -4.97 -2.31
CA ALA A 21 3.79 -4.48 -2.73
C ALA A 21 3.90 -4.44 -4.26
N PHE A 22 4.15 -3.24 -4.79
CA PHE A 22 4.28 -3.07 -6.23
C PHE A 22 5.71 -2.71 -6.62
N ARG A 23 5.94 -2.56 -7.91
CA ARG A 23 7.27 -2.21 -8.42
C ARG A 23 7.47 -0.70 -8.43
N SER A 24 6.44 0.03 -8.86
CA SER A 24 6.51 1.48 -8.93
C SER A 24 5.33 2.12 -8.19
N LYS A 25 5.40 3.42 -7.99
CA LYS A 25 4.33 4.15 -7.31
C LYS A 25 3.09 4.23 -8.18
N SER A 26 3.30 4.40 -9.48
CA SER A 26 2.19 4.50 -10.43
C SER A 26 1.29 3.27 -10.34
N TYR A 27 1.87 2.13 -9.95
CA TYR A 27 1.13 0.89 -9.84
C TYR A 27 0.26 0.90 -8.58
N LEU A 28 0.80 1.45 -7.50
CA LEU A 28 0.07 1.52 -6.23
C LEU A 28 -1.08 2.51 -6.32
N ILE A 29 -0.93 3.52 -7.17
CA ILE A 29 -1.96 4.53 -7.36
C ILE A 29 -3.19 3.94 -8.05
N ILE A 30 -2.94 3.08 -9.03
CA ILE A 30 -4.03 2.44 -9.78
C ILE A 30 -4.72 1.38 -8.93
N HIS A 31 -4.10 1.01 -7.82
CA HIS A 31 -4.66 0.01 -6.91
C HIS A 31 -5.48 0.66 -5.81
N THR A 32 -4.92 1.72 -5.22
CA THR A 32 -5.59 2.45 -4.14
C THR A 32 -7.03 2.80 -4.54
N ARG A 33 -7.31 2.79 -5.83
CA ARG A 33 -8.64 3.11 -6.33
C ARG A 33 -9.55 1.88 -6.26
N THR A 34 -8.97 0.70 -6.39
CA THR A 34 -9.73 -0.54 -6.33
C THR A 34 -10.32 -0.76 -4.94
N HIS A 35 -9.69 -0.19 -3.94
CA HIS A 35 -10.15 -0.32 -2.56
C HIS A 35 -11.60 0.14 -2.43
N THR A 36 -12.00 1.09 -3.28
CA THR A 36 -13.36 1.62 -3.26
C THR A 36 -14.37 0.52 -3.51
N GLY A 37 -14.15 -0.25 -4.58
CA GLY A 37 -15.06 -1.33 -4.93
C GLY A 37 -15.78 -1.08 -6.24
N GLU A 38 -15.02 -0.89 -7.30
CA GLU A 38 -15.59 -0.65 -8.62
C GLU A 38 -16.53 -1.78 -9.02
N SER A 39 -16.12 -3.02 -8.76
CA SER A 39 -16.92 -4.18 -9.09
C SER A 39 -17.95 -4.46 -8.00
N GLY A 40 -18.42 -3.41 -7.34
CA GLY A 40 -19.40 -3.56 -6.29
C GLY A 40 -18.90 -4.44 -5.16
N PRO A 41 -19.83 -4.94 -4.33
CA PRO A 41 -19.49 -5.81 -3.19
C PRO A 41 -19.00 -7.18 -3.64
N SER A 42 -18.88 -7.37 -4.95
CA SER A 42 -18.43 -8.64 -5.49
C SER A 42 -19.50 -9.72 -5.34
N SER A 43 -20.76 -9.32 -5.52
CA SER A 43 -21.87 -10.25 -5.39
C SER A 43 -22.57 -10.43 -6.73
N GLY A 44 -23.04 -11.65 -6.99
CA GLY A 44 -23.73 -11.93 -8.24
C GLY A 44 -24.18 -13.37 -8.34
N GLY A 1 14.98 4.08 24.26
CA GLY A 1 14.88 5.51 24.08
C GLY A 1 14.42 5.90 22.69
N SER A 2 13.12 5.78 22.45
CA SER A 2 12.55 6.11 21.14
C SER A 2 11.82 7.45 21.19
N SER A 3 12.58 8.54 21.10
CA SER A 3 12.01 9.88 21.13
C SER A 3 11.61 10.34 19.74
N GLY A 4 11.03 9.43 18.96
CA GLY A 4 10.62 9.76 17.60
C GLY A 4 11.20 8.82 16.57
N SER A 5 11.10 7.52 16.84
CA SER A 5 11.64 6.52 15.92
C SER A 5 10.56 5.51 15.53
N SER A 6 9.77 5.86 14.52
CA SER A 6 8.69 4.99 14.06
C SER A 6 9.25 3.77 13.33
N GLY A 7 8.97 2.59 13.87
CA GLY A 7 9.46 1.36 13.26
C GLY A 7 8.42 0.71 12.36
N THR A 8 8.56 0.94 11.06
CA THR A 8 7.63 0.36 10.09
C THR A 8 8.35 -0.57 9.13
N GLY A 9 9.40 -0.07 8.48
CA GLY A 9 10.15 -0.87 7.54
C GLY A 9 10.22 -0.23 6.17
N MET A 10 10.90 -0.91 5.25
CA MET A 10 11.04 -0.41 3.89
C MET A 10 9.75 -0.57 3.10
N LYS A 11 8.92 0.48 3.10
CA LYS A 11 7.65 0.45 2.39
C LYS A 11 7.63 1.47 1.26
N PRO A 12 8.19 1.09 0.10
CA PRO A 12 8.25 1.96 -1.07
C PRO A 12 6.87 2.19 -1.69
N TYR A 13 6.51 1.33 -2.63
CA TYR A 13 5.22 1.44 -3.32
C TYR A 13 4.23 0.43 -2.77
N VAL A 14 4.53 -0.11 -1.58
CA VAL A 14 3.67 -1.09 -0.94
C VAL A 14 2.43 -0.43 -0.35
N CYS A 15 1.26 -1.03 -0.59
CA CYS A 15 0.00 -0.50 -0.08
C CYS A 15 0.01 -0.48 1.45
N ASN A 16 -0.15 0.71 2.02
CA ASN A 16 -0.19 0.86 3.47
C ASN A 16 -1.58 0.58 4.03
N GLU A 17 -2.32 -0.28 3.34
CA GLU A 17 -3.67 -0.62 3.77
C GLU A 17 -3.87 -2.13 3.76
N CYS A 18 -3.38 -2.78 2.72
CA CYS A 18 -3.50 -4.23 2.58
C CYS A 18 -2.13 -4.90 2.61
N GLY A 19 -1.16 -4.28 1.95
CA GLY A 19 0.18 -4.82 1.91
C GLY A 19 0.61 -5.21 0.51
N LYS A 20 -0.12 -4.72 -0.48
CA LYS A 20 0.19 -5.01 -1.88
C LYS A 20 1.46 -4.30 -2.32
N ALA A 21 2.52 -5.07 -2.57
CA ALA A 21 3.78 -4.51 -3.01
C ALA A 21 3.85 -4.40 -4.53
N PHE A 22 4.44 -3.31 -5.01
CA PHE A 22 4.57 -3.09 -6.45
C PHE A 22 5.99 -2.66 -6.81
N ARG A 23 6.19 -2.33 -8.08
CA ARG A 23 7.50 -1.90 -8.55
C ARG A 23 7.62 -0.38 -8.54
N SER A 24 6.55 0.30 -8.94
CA SER A 24 6.53 1.75 -8.98
C SER A 24 5.26 2.30 -8.34
N LYS A 25 5.16 3.62 -8.28
CA LYS A 25 3.99 4.28 -7.69
C LYS A 25 2.75 4.08 -8.56
N SER A 26 2.89 4.42 -9.84
CA SER A 26 1.79 4.28 -10.78
C SER A 26 1.06 2.96 -10.59
N TYR A 27 1.78 1.97 -10.08
CA TYR A 27 1.21 0.65 -9.84
C TYR A 27 0.42 0.62 -8.54
N LEU A 28 0.94 1.32 -7.53
CA LEU A 28 0.29 1.37 -6.23
C LEU A 28 -0.92 2.30 -6.26
N ILE A 29 -0.83 3.36 -7.06
CA ILE A 29 -1.92 4.31 -7.19
C ILE A 29 -3.13 3.68 -7.87
N ILE A 30 -2.89 3.01 -8.99
CA ILE A 30 -3.95 2.36 -9.74
C ILE A 30 -4.60 1.25 -8.93
N HIS A 31 -3.89 0.79 -7.90
CA HIS A 31 -4.40 -0.27 -7.03
C HIS A 31 -5.09 0.31 -5.80
N THR A 32 -4.57 1.44 -5.31
CA THR A 32 -5.14 2.09 -4.14
C THR A 32 -6.53 2.65 -4.43
N ARG A 33 -6.89 2.67 -5.72
CA ARG A 33 -8.19 3.18 -6.13
C ARG A 33 -9.27 2.13 -5.94
N THR A 34 -8.85 0.86 -5.88
CA THR A 34 -9.78 -0.25 -5.70
C THR A 34 -10.38 -0.23 -4.29
N HIS A 35 -9.68 0.40 -3.36
CA HIS A 35 -10.13 0.48 -1.98
C HIS A 35 -11.28 1.48 -1.85
N THR A 36 -11.73 2.01 -2.97
CA THR A 36 -12.82 2.98 -2.99
C THR A 36 -12.68 3.97 -1.84
N GLY A 37 -11.46 4.47 -1.63
CA GLY A 37 -11.22 5.42 -0.57
C GLY A 37 -10.28 6.53 -1.00
N GLU A 38 -10.61 7.19 -2.10
CA GLU A 38 -9.79 8.29 -2.62
C GLU A 38 -9.39 9.24 -1.49
N SER A 39 -8.12 9.62 -1.48
CA SER A 39 -7.60 10.53 -0.45
C SER A 39 -8.20 11.92 -0.60
N GLY A 40 -8.23 12.41 -1.84
CA GLY A 40 -8.80 13.73 -2.10
C GLY A 40 -7.80 14.66 -2.75
N PRO A 41 -8.25 15.43 -3.75
CA PRO A 41 -7.40 16.37 -4.48
C PRO A 41 -7.00 17.57 -3.63
N SER A 42 -7.94 18.04 -2.82
CA SER A 42 -7.69 19.19 -1.94
C SER A 42 -6.99 20.31 -2.71
N SER A 43 -7.42 20.53 -3.95
CA SER A 43 -6.83 21.57 -4.78
C SER A 43 -7.51 22.92 -4.53
N GLY A 44 -7.76 23.21 -3.26
CA GLY A 44 -8.40 24.47 -2.91
C GLY A 44 -7.42 25.63 -2.90
N GLY A 1 10.32 13.04 12.82
CA GLY A 1 11.32 12.15 13.41
C GLY A 1 12.32 11.66 12.39
N SER A 2 13.23 10.79 12.82
CA SER A 2 14.25 10.24 11.94
C SER A 2 13.80 8.92 11.33
N SER A 3 14.08 8.73 10.06
CA SER A 3 13.69 7.51 9.35
C SER A 3 14.81 6.47 9.42
N GLY A 4 14.43 5.19 9.39
CA GLY A 4 15.40 4.12 9.45
C GLY A 4 14.96 2.99 10.36
N SER A 5 15.82 2.61 11.29
CA SER A 5 15.51 1.53 12.22
C SER A 5 14.07 1.60 12.70
N SER A 6 13.65 2.81 13.08
CA SER A 6 12.28 3.02 13.56
C SER A 6 11.64 4.20 12.84
N GLY A 7 10.32 4.13 12.67
CA GLY A 7 9.60 5.19 11.99
C GLY A 7 8.90 4.70 10.74
N THR A 8 7.74 5.30 10.44
CA THR A 8 6.97 4.92 9.26
C THR A 8 7.64 5.41 7.99
N GLY A 9 7.52 4.62 6.92
CA GLY A 9 8.12 4.99 5.65
C GLY A 9 9.22 4.03 5.23
N MET A 10 8.97 2.74 5.41
CA MET A 10 9.95 1.71 5.05
C MET A 10 9.59 1.07 3.72
N LYS A 11 8.31 0.79 3.53
CA LYS A 11 7.84 0.18 2.28
C LYS A 11 7.90 1.17 1.13
N PRO A 12 8.41 0.70 -0.01
CA PRO A 12 8.54 1.53 -1.23
C PRO A 12 7.19 1.86 -1.84
N TYR A 13 6.74 1.01 -2.77
CA TYR A 13 5.46 1.22 -3.43
C TYR A 13 4.42 0.22 -2.94
N VAL A 14 4.69 -0.39 -1.78
CA VAL A 14 3.78 -1.36 -1.20
C VAL A 14 2.57 -0.67 -0.56
N CYS A 15 1.41 -1.30 -0.68
CA CYS A 15 0.18 -0.75 -0.12
C CYS A 15 0.24 -0.75 1.40
N ASN A 16 0.11 0.43 1.99
CA ASN A 16 0.14 0.57 3.44
C ASN A 16 -1.23 0.31 4.04
N GLU A 17 -2.01 -0.56 3.40
CA GLU A 17 -3.34 -0.89 3.88
C GLU A 17 -3.57 -2.40 3.84
N CYS A 18 -3.15 -3.02 2.74
CA CYS A 18 -3.31 -4.46 2.57
C CYS A 18 -1.96 -5.16 2.55
N GLY A 19 -0.98 -4.52 1.91
CA GLY A 19 0.35 -5.11 1.84
C GLY A 19 0.74 -5.48 0.42
N LYS A 20 0.01 -4.95 -0.55
CA LYS A 20 0.28 -5.23 -1.96
C LYS A 20 1.55 -4.54 -2.43
N ALA A 21 2.57 -5.32 -2.72
CA ALA A 21 3.85 -4.77 -3.18
C ALA A 21 3.87 -4.64 -4.70
N PHE A 22 4.13 -3.42 -5.18
CA PHE A 22 4.18 -3.17 -6.61
C PHE A 22 5.60 -2.80 -7.06
N ARG A 23 5.82 -2.80 -8.37
CA ARG A 23 7.13 -2.45 -8.91
C ARG A 23 7.35 -0.94 -8.91
N SER A 24 6.28 -0.20 -9.20
CA SER A 24 6.35 1.26 -9.23
C SER A 24 5.24 1.88 -8.39
N LYS A 25 5.32 3.19 -8.20
CA LYS A 25 4.32 3.91 -7.42
C LYS A 25 3.01 4.03 -8.19
N SER A 26 3.13 4.35 -9.48
CA SER A 26 1.95 4.50 -10.33
C SER A 26 1.10 3.23 -10.32
N TYR A 27 1.77 2.09 -10.18
CA TYR A 27 1.08 0.80 -10.16
C TYR A 27 0.31 0.62 -8.86
N LEU A 28 0.82 1.21 -7.79
CA LEU A 28 0.18 1.11 -6.48
C LEU A 28 -0.90 2.19 -6.32
N ILE A 29 -0.65 3.35 -6.90
CA ILE A 29 -1.60 4.46 -6.82
C ILE A 29 -2.91 4.11 -7.50
N ILE A 30 -2.82 3.36 -8.60
CA ILE A 30 -4.01 2.95 -9.34
C ILE A 30 -4.74 1.80 -8.64
N HIS A 31 -4.06 1.20 -7.66
CA HIS A 31 -4.64 0.10 -6.90
C HIS A 31 -5.29 0.59 -5.62
N THR A 32 -4.70 1.62 -5.02
CA THR A 32 -5.23 2.18 -3.78
C THR A 32 -6.61 2.78 -4.00
N ARG A 33 -6.90 3.14 -5.25
CA ARG A 33 -8.20 3.72 -5.58
C ARG A 33 -9.29 2.65 -5.60
N THR A 34 -8.98 1.51 -6.21
CA THR A 34 -9.93 0.41 -6.29
C THR A 34 -10.47 0.04 -4.92
N HIS A 35 -9.64 0.24 -3.88
CA HIS A 35 -10.04 -0.08 -2.52
C HIS A 35 -11.43 0.46 -2.21
N THR A 36 -11.75 1.61 -2.81
CA THR A 36 -13.05 2.24 -2.61
C THR A 36 -14.17 1.20 -2.61
N GLY A 37 -14.10 0.27 -3.56
CA GLY A 37 -15.12 -0.76 -3.65
C GLY A 37 -15.34 -1.48 -2.34
N GLU A 38 -14.35 -2.28 -1.94
CA GLU A 38 -14.44 -3.04 -0.70
C GLU A 38 -14.41 -2.11 0.51
N SER A 39 -15.58 -1.61 0.89
CA SER A 39 -15.69 -0.69 2.02
C SER A 39 -16.33 -1.39 3.22
N GLY A 40 -15.51 -1.68 4.23
CA GLY A 40 -16.02 -2.35 5.42
C GLY A 40 -16.33 -1.38 6.54
N PRO A 41 -15.28 -0.94 7.27
CA PRO A 41 -15.43 0.00 8.38
C PRO A 41 -15.82 1.39 7.91
N SER A 42 -16.01 1.55 6.61
CA SER A 42 -16.38 2.84 6.03
C SER A 42 -15.64 3.97 6.73
N SER A 43 -14.36 3.76 7.00
CA SER A 43 -13.54 4.76 7.67
C SER A 43 -12.87 5.68 6.65
N GLY A 44 -12.61 6.92 7.06
CA GLY A 44 -11.98 7.88 6.18
C GLY A 44 -12.60 9.26 6.26
N GLY A 1 22.91 -23.20 7.18
CA GLY A 1 23.38 -21.82 7.08
C GLY A 1 22.87 -20.95 8.20
N SER A 2 23.79 -20.38 8.96
CA SER A 2 23.43 -19.52 10.09
C SER A 2 22.82 -18.21 9.60
N SER A 3 21.98 -17.61 10.43
CA SER A 3 21.32 -16.35 10.07
C SER A 3 20.58 -15.76 11.27
N GLY A 4 20.72 -14.47 11.48
CA GLY A 4 20.06 -13.81 12.58
C GLY A 4 18.78 -13.11 12.16
N SER A 5 18.91 -11.89 11.65
CA SER A 5 17.76 -11.13 11.21
C SER A 5 18.13 -10.21 10.05
N SER A 6 17.60 -10.51 8.87
CA SER A 6 17.88 -9.73 7.68
C SER A 6 16.59 -9.22 7.05
N GLY A 7 16.47 -7.90 6.91
CA GLY A 7 15.28 -7.31 6.32
C GLY A 7 14.84 -6.06 7.05
N THR A 8 15.41 -4.92 6.69
CA THR A 8 15.07 -3.65 7.32
C THR A 8 13.56 -3.46 7.38
N GLY A 9 12.90 -3.63 6.23
CA GLY A 9 11.46 -3.47 6.19
C GLY A 9 11.05 -2.10 5.68
N MET A 10 11.11 -1.91 4.37
CA MET A 10 10.74 -0.64 3.76
C MET A 10 9.54 -0.81 2.82
N LYS A 11 8.74 0.23 2.71
CA LYS A 11 7.55 0.21 1.85
C LYS A 11 7.51 1.42 0.93
N PRO A 12 8.22 1.33 -0.19
CA PRO A 12 8.29 2.41 -1.18
C PRO A 12 6.96 2.62 -1.91
N TYR A 13 6.45 1.54 -2.51
CA TYR A 13 5.20 1.60 -3.24
C TYR A 13 4.20 0.57 -2.70
N VAL A 14 4.51 0.03 -1.54
CA VAL A 14 3.65 -0.96 -0.91
C VAL A 14 2.41 -0.31 -0.29
N CYS A 15 1.27 -0.97 -0.43
CA CYS A 15 0.02 -0.46 0.12
C CYS A 15 0.05 -0.47 1.64
N ASN A 16 -0.08 0.70 2.25
CA ASN A 16 -0.08 0.83 3.70
C ASN A 16 -1.47 0.57 4.27
N GLU A 17 -2.25 -0.24 3.57
CA GLU A 17 -3.61 -0.56 4.01
C GLU A 17 -3.85 -2.06 3.95
N CYS A 18 -3.30 -2.71 2.93
CA CYS A 18 -3.46 -4.15 2.77
C CYS A 18 -2.10 -4.85 2.76
N GLY A 19 -1.11 -4.21 2.15
CA GLY A 19 0.22 -4.78 2.08
C GLY A 19 0.61 -5.18 0.67
N LYS A 20 -0.09 -4.63 -0.31
CA LYS A 20 0.19 -4.92 -1.71
C LYS A 20 1.45 -4.20 -2.18
N ALA A 21 2.50 -4.97 -2.45
CA ALA A 21 3.76 -4.40 -2.91
C ALA A 21 3.80 -4.30 -4.43
N PHE A 22 4.41 -3.23 -4.94
CA PHE A 22 4.51 -3.02 -6.38
C PHE A 22 5.91 -2.59 -6.77
N ARG A 23 6.14 -2.42 -8.06
CA ARG A 23 7.45 -2.01 -8.56
C ARG A 23 7.57 -0.49 -8.59
N SER A 24 6.50 0.18 -8.99
CA SER A 24 6.49 1.64 -9.06
C SER A 24 5.24 2.20 -8.41
N LYS A 25 5.29 3.48 -8.04
CA LYS A 25 4.17 4.14 -7.40
C LYS A 25 2.92 4.09 -8.29
N SER A 26 3.12 4.34 -9.58
CA SER A 26 2.03 4.32 -10.54
C SER A 26 1.18 3.07 -10.37
N TYR A 27 1.84 1.94 -10.10
CA TYR A 27 1.14 0.68 -9.93
C TYR A 27 0.32 0.68 -8.64
N LEU A 28 0.90 1.23 -7.58
CA LEU A 28 0.22 1.29 -6.29
C LEU A 28 -0.87 2.36 -6.31
N ILE A 29 -0.75 3.31 -7.23
CA ILE A 29 -1.73 4.38 -7.35
C ILE A 29 -3.02 3.88 -8.01
N ILE A 30 -2.87 3.04 -9.02
CA ILE A 30 -4.02 2.49 -9.73
C ILE A 30 -4.67 1.37 -8.92
N HIS A 31 -3.97 0.90 -7.90
CA HIS A 31 -4.48 -0.17 -7.06
C HIS A 31 -5.18 0.40 -5.82
N THR A 32 -4.64 1.48 -5.29
CA THR A 32 -5.21 2.13 -4.10
C THR A 32 -6.62 2.65 -4.40
N ARG A 33 -6.95 2.77 -5.68
CA ARG A 33 -8.26 3.25 -6.08
C ARG A 33 -9.29 2.15 -6.00
N THR A 34 -8.84 0.90 -6.10
CA THR A 34 -9.72 -0.25 -6.03
C THR A 34 -10.34 -0.40 -4.65
N HIS A 35 -9.65 0.11 -3.64
CA HIS A 35 -10.12 0.04 -2.26
C HIS A 35 -11.46 0.77 -2.12
N THR A 36 -11.69 1.73 -2.99
CA THR A 36 -12.92 2.52 -2.96
C THR A 36 -13.78 2.25 -4.20
N GLY A 37 -13.80 1.00 -4.63
CA GLY A 37 -14.58 0.64 -5.81
C GLY A 37 -15.90 -0.02 -5.45
N GLU A 38 -15.82 -1.14 -4.75
CA GLU A 38 -17.02 -1.88 -4.34
C GLU A 38 -17.51 -1.41 -2.98
N SER A 39 -16.64 -1.49 -1.99
CA SER A 39 -16.99 -1.06 -0.63
C SER A 39 -17.86 0.18 -0.65
N GLY A 40 -18.78 0.27 0.31
CA GLY A 40 -19.67 1.42 0.38
C GLY A 40 -19.04 2.59 1.11
N PRO A 41 -19.19 2.59 2.45
CA PRO A 41 -18.64 3.66 3.29
C PRO A 41 -17.12 3.63 3.35
N SER A 42 -16.48 4.74 2.97
CA SER A 42 -15.03 4.83 2.97
C SER A 42 -14.46 4.22 4.25
N SER A 43 -15.04 4.58 5.38
CA SER A 43 -14.60 4.06 6.67
C SER A 43 -14.21 2.60 6.58
N GLY A 44 -13.36 2.15 7.50
CA GLY A 44 -12.93 0.76 7.50
C GLY A 44 -11.55 0.59 8.10
N GLY A 1 33.08 3.43 13.31
CA GLY A 1 33.47 3.60 11.92
C GLY A 1 32.27 3.78 11.01
N SER A 2 31.61 2.67 10.67
CA SER A 2 30.44 2.71 9.79
C SER A 2 29.31 1.87 10.36
N SER A 3 28.10 2.41 10.32
CA SER A 3 26.92 1.71 10.83
C SER A 3 25.88 1.54 9.74
N GLY A 4 24.82 0.81 10.05
CA GLY A 4 23.75 0.57 9.09
C GLY A 4 22.54 -0.08 9.71
N SER A 5 21.70 0.72 10.36
CA SER A 5 20.50 0.21 11.01
C SER A 5 19.81 -0.82 10.12
N SER A 6 19.74 -2.05 10.61
CA SER A 6 19.10 -3.14 9.86
C SER A 6 17.68 -2.77 9.47
N GLY A 7 17.48 -2.49 8.19
CA GLY A 7 16.17 -2.12 7.70
C GLY A 7 15.09 -3.13 8.09
N THR A 8 14.05 -2.64 8.76
CA THR A 8 12.96 -3.51 9.20
C THR A 8 11.86 -3.57 8.15
N GLY A 9 12.25 -3.68 6.88
CA GLY A 9 11.28 -3.74 5.81
C GLY A 9 10.88 -2.37 5.30
N MET A 10 11.29 -2.06 4.07
CA MET A 10 10.97 -0.77 3.47
C MET A 10 9.75 -0.88 2.58
N LYS A 11 8.84 0.09 2.70
CA LYS A 11 7.62 0.11 1.90
C LYS A 11 7.56 1.36 1.03
N PRO A 12 8.24 1.31 -0.14
CA PRO A 12 8.28 2.43 -1.07
C PRO A 12 6.94 2.65 -1.76
N TYR A 13 6.41 1.60 -2.38
CA TYR A 13 5.13 1.68 -3.08
C TYR A 13 4.17 0.62 -2.57
N VAL A 14 4.43 0.13 -1.36
CA VAL A 14 3.58 -0.89 -0.76
C VAL A 14 2.28 -0.29 -0.25
N CYS A 15 1.18 -1.04 -0.39
CA CYS A 15 -0.13 -0.58 0.06
C CYS A 15 -0.24 -0.65 1.58
N ASN A 16 -0.20 0.52 2.22
CA ASN A 16 -0.29 0.58 3.68
C ASN A 16 -1.67 0.14 4.15
N GLU A 17 -2.56 -0.13 3.20
CA GLU A 17 -3.91 -0.56 3.52
C GLU A 17 -3.98 -2.07 3.65
N CYS A 18 -3.44 -2.77 2.66
CA CYS A 18 -3.45 -4.23 2.66
C CYS A 18 -2.02 -4.78 2.72
N GLY A 19 -1.09 -4.06 2.11
CA GLY A 19 0.30 -4.48 2.11
C GLY A 19 0.79 -4.88 0.73
N LYS A 20 -0.05 -4.65 -0.28
CA LYS A 20 0.30 -4.98 -1.65
C LYS A 20 1.55 -4.22 -2.09
N ALA A 21 2.64 -4.95 -2.32
CA ALA A 21 3.89 -4.34 -2.76
C ALA A 21 3.97 -4.27 -4.27
N PHE A 22 4.38 -3.11 -4.78
CA PHE A 22 4.50 -2.91 -6.22
C PHE A 22 5.93 -2.52 -6.61
N ARG A 23 6.17 -2.36 -7.90
CA ARG A 23 7.50 -1.98 -8.39
C ARG A 23 7.62 -0.47 -8.50
N SER A 24 6.49 0.20 -8.71
CA SER A 24 6.48 1.65 -8.84
C SER A 24 5.20 2.24 -8.25
N LYS A 25 5.20 3.55 -8.03
CA LYS A 25 4.05 4.23 -7.46
C LYS A 25 2.86 4.19 -8.43
N SER A 26 3.14 4.48 -9.70
CA SER A 26 2.10 4.48 -10.72
C SER A 26 1.39 3.13 -10.78
N TYR A 27 2.03 2.11 -10.20
CA TYR A 27 1.48 0.77 -10.20
C TYR A 27 0.59 0.56 -8.97
N LEU A 28 0.93 1.23 -7.88
CA LEU A 28 0.17 1.11 -6.64
C LEU A 28 -1.00 2.11 -6.63
N ILE A 29 -0.80 3.25 -7.27
CA ILE A 29 -1.84 4.27 -7.34
C ILE A 29 -3.09 3.74 -8.02
N ILE A 30 -2.90 2.95 -9.08
CA ILE A 30 -4.02 2.38 -9.81
C ILE A 30 -4.70 1.28 -9.01
N HIS A 31 -4.02 0.82 -7.97
CA HIS A 31 -4.57 -0.24 -7.12
C HIS A 31 -5.28 0.35 -5.92
N THR A 32 -4.66 1.34 -5.28
CA THR A 32 -5.23 1.98 -4.11
C THR A 32 -6.69 2.36 -4.36
N ARG A 33 -6.98 2.84 -5.56
CA ARG A 33 -8.34 3.24 -5.91
C ARG A 33 -9.32 2.10 -5.66
N THR A 34 -8.88 0.88 -5.93
CA THR A 34 -9.73 -0.30 -5.73
C THR A 34 -10.28 -0.35 -4.31
N HIS A 35 -9.59 0.33 -3.39
CA HIS A 35 -10.01 0.37 -2.00
C HIS A 35 -11.10 1.41 -1.79
N THR A 36 -11.72 1.85 -2.89
CA THR A 36 -12.78 2.85 -2.82
C THR A 36 -14.14 2.19 -2.72
N GLY A 37 -14.26 0.98 -3.25
CA GLY A 37 -15.52 0.27 -3.22
C GLY A 37 -15.33 -1.24 -3.18
N GLU A 38 -15.85 -1.87 -2.13
CA GLU A 38 -15.74 -3.32 -1.97
C GLU A 38 -17.00 -3.89 -1.36
N SER A 39 -17.13 -5.22 -1.41
CA SER A 39 -18.29 -5.90 -0.86
C SER A 39 -18.71 -5.28 0.47
N GLY A 40 -17.74 -5.15 1.37
CA GLY A 40 -18.03 -4.57 2.68
C GLY A 40 -16.78 -4.36 3.51
N PRO A 41 -16.51 -5.30 4.42
CA PRO A 41 -15.33 -5.24 5.30
C PRO A 41 -14.03 -5.47 4.53
N SER A 42 -12.92 -5.40 5.25
CA SER A 42 -11.60 -5.60 4.65
C SER A 42 -10.80 -6.64 5.42
N SER A 43 -10.83 -6.54 6.74
CA SER A 43 -10.10 -7.47 7.59
C SER A 43 -10.97 -8.68 7.93
N GLY A 44 -12.15 -8.43 8.48
CA GLY A 44 -13.06 -9.50 8.84
C GLY A 44 -14.39 -8.99 9.34
N GLY A 1 29.23 -0.31 8.62
CA GLY A 1 28.90 0.26 9.91
C GLY A 1 27.41 0.28 10.18
N SER A 2 26.88 1.43 10.55
CA SER A 2 25.46 1.57 10.84
C SER A 2 24.69 2.03 9.61
N SER A 3 25.05 3.21 9.11
CA SER A 3 24.39 3.77 7.94
C SER A 3 22.87 3.71 8.09
N GLY A 4 22.39 4.03 9.29
CA GLY A 4 20.96 4.01 9.53
C GLY A 4 20.59 3.10 10.68
N SER A 5 19.30 2.99 10.96
CA SER A 5 18.81 2.14 12.04
C SER A 5 18.55 0.72 11.54
N SER A 6 19.12 -0.26 12.25
CA SER A 6 18.97 -1.65 11.87
C SER A 6 17.49 -2.01 11.74
N GLY A 7 17.03 -2.17 10.50
CA GLY A 7 15.65 -2.51 10.26
C GLY A 7 15.05 -1.75 9.09
N THR A 8 13.77 -1.98 8.81
CA THR A 8 13.09 -1.32 7.72
C THR A 8 11.66 -0.97 8.08
N GLY A 9 11.17 0.17 7.58
CA GLY A 9 9.81 0.58 7.88
C GLY A 9 9.11 1.11 6.64
N MET A 10 9.28 2.40 6.37
CA MET A 10 8.65 3.03 5.21
C MET A 10 8.63 2.09 4.02
N LYS A 11 7.43 1.82 3.50
CA LYS A 11 7.28 0.93 2.36
C LYS A 11 7.41 1.70 1.05
N PRO A 12 8.04 1.07 0.04
CA PRO A 12 8.25 1.68 -1.27
C PRO A 12 6.94 1.80 -2.05
N TYR A 13 6.62 0.78 -2.84
CA TYR A 13 5.40 0.80 -3.64
C TYR A 13 4.35 -0.16 -3.06
N VAL A 14 4.67 -0.75 -1.91
CA VAL A 14 3.78 -1.67 -1.25
C VAL A 14 2.61 -0.95 -0.58
N CYS A 15 1.42 -1.50 -0.71
CA CYS A 15 0.23 -0.89 -0.13
C CYS A 15 0.30 -0.93 1.40
N ASN A 16 0.22 0.25 2.02
CA ASN A 16 0.27 0.35 3.47
C ASN A 16 -1.10 0.12 4.09
N GLU A 17 -1.94 -0.64 3.40
CA GLU A 17 -3.28 -0.94 3.87
C GLU A 17 -3.56 -2.44 3.82
N CYS A 18 -3.15 -3.08 2.74
CA CYS A 18 -3.35 -4.51 2.57
C CYS A 18 -2.01 -5.24 2.49
N GLY A 19 -1.04 -4.63 1.83
CA GLY A 19 0.27 -5.23 1.72
C GLY A 19 0.61 -5.58 0.28
N LYS A 20 -0.22 -5.12 -0.66
CA LYS A 20 -0.01 -5.39 -2.08
C LYS A 20 1.27 -4.71 -2.57
N ALA A 21 2.26 -5.52 -2.95
CA ALA A 21 3.52 -5.00 -3.44
C ALA A 21 3.48 -4.80 -4.96
N PHE A 22 4.20 -3.79 -5.43
CA PHE A 22 4.24 -3.48 -6.85
C PHE A 22 5.67 -3.20 -7.31
N ARG A 23 5.82 -2.81 -8.58
CA ARG A 23 7.14 -2.52 -9.13
C ARG A 23 7.33 -1.02 -9.27
N SER A 24 6.25 -0.29 -9.54
CA SER A 24 6.31 1.16 -9.70
C SER A 24 5.28 1.84 -8.81
N LYS A 25 5.53 3.12 -8.51
CA LYS A 25 4.63 3.89 -7.67
C LYS A 25 3.30 4.15 -8.38
N SER A 26 3.35 4.23 -9.69
CA SER A 26 2.15 4.47 -10.50
C SER A 26 1.22 3.26 -10.45
N TYR A 27 1.79 2.10 -10.20
CA TYR A 27 1.01 0.87 -10.12
C TYR A 27 0.29 0.74 -8.79
N LEU A 28 0.92 1.25 -7.74
CA LEU A 28 0.34 1.21 -6.40
C LEU A 28 -0.73 2.27 -6.23
N ILE A 29 -0.46 3.46 -6.77
CA ILE A 29 -1.39 4.57 -6.69
C ILE A 29 -2.73 4.21 -7.33
N ILE A 30 -2.68 3.60 -8.50
CA ILE A 30 -3.89 3.20 -9.22
C ILE A 30 -4.60 2.06 -8.51
N HIS A 31 -3.90 1.46 -7.54
CA HIS A 31 -4.46 0.35 -6.78
C HIS A 31 -5.12 0.85 -5.49
N THR A 32 -4.40 1.67 -4.75
CA THR A 32 -4.90 2.22 -3.49
C THR A 32 -6.30 2.80 -3.68
N ARG A 33 -6.65 3.12 -4.92
CA ARG A 33 -7.96 3.67 -5.23
C ARG A 33 -9.00 2.58 -5.37
N THR A 34 -8.57 1.41 -5.82
CA THR A 34 -9.47 0.27 -5.99
C THR A 34 -10.14 -0.12 -4.68
N HIS A 35 -9.44 0.13 -3.58
CA HIS A 35 -9.97 -0.19 -2.25
C HIS A 35 -11.34 0.46 -2.04
N THR A 36 -11.67 1.42 -2.91
CA THR A 36 -12.95 2.11 -2.82
C THR A 36 -14.06 1.30 -3.47
N GLY A 37 -14.05 -0.01 -3.25
CA GLY A 37 -15.07 -0.87 -3.83
C GLY A 37 -14.77 -2.34 -3.62
N GLU A 38 -13.55 -2.74 -3.93
CA GLU A 38 -13.14 -4.13 -3.77
C GLU A 38 -13.25 -4.57 -2.30
N SER A 39 -12.56 -3.86 -1.43
CA SER A 39 -12.58 -4.17 -0.01
C SER A 39 -13.83 -3.61 0.67
N GLY A 40 -13.99 -2.29 0.58
CA GLY A 40 -15.15 -1.65 1.18
C GLY A 40 -16.38 -1.75 0.31
N PRO A 41 -17.47 -2.25 0.89
CA PRO A 41 -18.74 -2.42 0.18
C PRO A 41 -19.42 -1.08 -0.14
N SER A 42 -19.23 -0.61 -1.37
CA SER A 42 -19.81 0.67 -1.79
C SER A 42 -19.86 0.76 -3.31
N SER A 43 -20.89 1.43 -3.82
CA SER A 43 -21.05 1.59 -5.26
C SER A 43 -20.70 3.01 -5.69
N GLY A 44 -21.41 3.99 -5.15
CA GLY A 44 -21.16 5.38 -5.48
C GLY A 44 -20.66 6.19 -4.31
N GLY A 1 20.62 8.31 17.12
CA GLY A 1 20.06 8.55 18.44
C GLY A 1 19.34 7.33 18.98
N SER A 2 18.02 7.38 19.03
CA SER A 2 17.23 6.28 19.54
C SER A 2 16.80 5.35 18.41
N SER A 3 16.58 4.07 18.74
CA SER A 3 16.18 3.08 17.76
C SER A 3 14.66 3.02 17.66
N GLY A 4 13.99 2.94 18.80
CA GLY A 4 12.54 2.87 18.81
C GLY A 4 12.02 1.45 18.73
N SER A 5 11.41 1.11 17.60
CA SER A 5 10.86 -0.23 17.40
C SER A 5 11.37 -0.83 16.09
N SER A 6 11.48 -2.15 16.06
CA SER A 6 11.96 -2.85 14.87
C SER A 6 10.79 -3.39 14.05
N GLY A 7 9.73 -2.59 13.92
CA GLY A 7 8.57 -3.02 13.17
C GLY A 7 8.41 -2.25 11.87
N THR A 8 8.22 -0.93 11.98
CA THR A 8 8.05 -0.09 10.81
C THR A 8 8.98 -0.52 9.68
N GLY A 9 8.42 -1.18 8.67
CA GLY A 9 9.22 -1.63 7.55
C GLY A 9 9.08 -0.73 6.34
N MET A 10 9.75 0.42 6.39
CA MET A 10 9.69 1.38 5.28
C MET A 10 9.63 0.66 3.94
N LYS A 11 8.44 0.64 3.34
CA LYS A 11 8.25 -0.01 2.06
C LYS A 11 8.25 1.01 0.92
N PRO A 12 8.62 0.56 -0.28
CA PRO A 12 8.67 1.42 -1.47
C PRO A 12 7.28 1.83 -1.95
N TYR A 13 6.70 1.02 -2.84
CA TYR A 13 5.37 1.30 -3.37
C TYR A 13 4.35 0.31 -2.84
N VAL A 14 4.67 -0.31 -1.71
CA VAL A 14 3.78 -1.28 -1.09
C VAL A 14 2.60 -0.60 -0.40
N CYS A 15 1.40 -1.06 -0.70
CA CYS A 15 0.19 -0.48 -0.11
C CYS A 15 0.29 -0.49 1.41
N ASN A 16 0.13 0.70 2.01
CA ASN A 16 0.20 0.83 3.47
C ASN A 16 -1.17 0.61 4.09
N GLU A 17 -1.99 -0.19 3.44
CA GLU A 17 -3.33 -0.49 3.94
C GLU A 17 -3.61 -1.99 3.89
N CYS A 18 -3.21 -2.63 2.80
CA CYS A 18 -3.41 -4.07 2.64
C CYS A 18 -2.08 -4.81 2.59
N GLY A 19 -1.07 -4.17 1.99
CA GLY A 19 0.24 -4.78 1.89
C GLY A 19 0.57 -5.21 0.47
N LYS A 20 -0.12 -4.61 -0.50
CA LYS A 20 0.11 -4.94 -1.90
C LYS A 20 1.41 -4.33 -2.40
N ALA A 21 2.39 -5.18 -2.70
CA ALA A 21 3.68 -4.73 -3.19
C ALA A 21 3.68 -4.62 -4.71
N PHE A 22 4.15 -3.49 -5.23
CA PHE A 22 4.21 -3.28 -6.67
C PHE A 22 5.62 -2.94 -7.11
N ARG A 23 5.79 -2.70 -8.41
CA ARG A 23 7.10 -2.37 -8.97
C ARG A 23 7.36 -0.87 -8.90
N SER A 24 6.33 -0.08 -9.19
CA SER A 24 6.45 1.37 -9.18
C SER A 24 5.31 1.99 -8.37
N LYS A 25 5.28 3.32 -8.32
CA LYS A 25 4.25 4.04 -7.59
C LYS A 25 2.94 4.09 -8.38
N SER A 26 3.06 4.30 -9.68
CA SER A 26 1.88 4.38 -10.55
C SER A 26 1.02 3.12 -10.39
N TYR A 27 1.65 2.02 -10.03
CA TYR A 27 0.95 0.76 -9.85
C TYR A 27 0.19 0.74 -8.52
N LEU A 28 0.80 1.33 -7.50
CA LEU A 28 0.18 1.40 -6.17
C LEU A 28 -0.95 2.42 -6.14
N ILE A 29 -0.74 3.54 -6.83
CA ILE A 29 -1.74 4.60 -6.88
C ILE A 29 -3.01 4.13 -7.58
N ILE A 30 -2.84 3.55 -8.77
CA ILE A 30 -3.98 3.05 -9.54
C ILE A 30 -4.65 1.89 -8.83
N HIS A 31 -3.99 1.37 -7.80
CA HIS A 31 -4.54 0.25 -7.03
C HIS A 31 -5.29 0.75 -5.80
N THR A 32 -4.63 1.58 -5.00
CA THR A 32 -5.25 2.12 -3.80
C THR A 32 -6.70 2.51 -4.05
N ARG A 33 -7.00 2.92 -5.28
CA ARG A 33 -8.35 3.31 -5.65
C ARG A 33 -9.29 2.11 -5.68
N THR A 34 -8.79 1.00 -6.22
CA THR A 34 -9.57 -0.22 -6.32
C THR A 34 -10.22 -0.57 -4.99
N HIS A 35 -9.56 -0.19 -3.89
CA HIS A 35 -10.08 -0.46 -2.55
C HIS A 35 -11.55 -0.09 -2.46
N THR A 36 -11.94 0.95 -3.19
CA THR A 36 -13.32 1.42 -3.18
C THR A 36 -14.28 0.25 -3.43
N GLY A 37 -14.14 -0.40 -4.57
CA GLY A 37 -15.01 -1.52 -4.90
C GLY A 37 -15.33 -1.58 -6.38
N GLU A 38 -14.35 -1.98 -7.18
CA GLU A 38 -14.54 -2.08 -8.63
C GLU A 38 -14.70 -3.53 -9.05
N SER A 39 -15.96 -3.97 -9.16
CA SER A 39 -16.25 -5.34 -9.56
C SER A 39 -16.85 -5.38 -10.97
N GLY A 40 -15.98 -5.47 -11.97
CA GLY A 40 -16.44 -5.51 -13.35
C GLY A 40 -15.31 -5.79 -14.33
N PRO A 41 -14.89 -7.06 -14.39
CA PRO A 41 -13.80 -7.48 -15.28
C PRO A 41 -14.21 -7.44 -16.75
N SER A 42 -15.44 -7.88 -17.03
CA SER A 42 -15.95 -7.90 -18.39
C SER A 42 -15.18 -8.89 -19.25
N SER A 43 -14.90 -10.07 -18.69
CA SER A 43 -14.16 -11.11 -19.40
C SER A 43 -15.12 -12.16 -19.94
N GLY A 44 -16.00 -12.65 -19.08
CA GLY A 44 -16.95 -13.67 -19.50
C GLY A 44 -16.31 -15.03 -19.72
N GLY A 1 -6.58 10.88 19.67
CA GLY A 1 -5.30 10.98 19.00
C GLY A 1 -4.39 9.81 19.30
N SER A 2 -4.48 8.76 18.49
CA SER A 2 -3.67 7.57 18.67
C SER A 2 -2.68 7.40 17.52
N SER A 3 -1.47 7.91 17.70
CA SER A 3 -0.43 7.82 16.68
C SER A 3 -0.54 6.50 15.91
N GLY A 4 -0.63 5.40 16.66
CA GLY A 4 -0.74 4.09 16.03
C GLY A 4 0.54 3.69 15.32
N SER A 5 0.42 2.75 14.39
CA SER A 5 1.58 2.26 13.64
C SER A 5 1.42 2.57 12.16
N SER A 6 1.73 3.80 11.78
CA SER A 6 1.62 4.21 10.39
C SER A 6 2.97 4.67 9.85
N GLY A 7 3.67 3.75 9.18
CA GLY A 7 4.98 4.07 8.62
C GLY A 7 6.12 3.61 9.51
N THR A 8 5.97 2.41 10.08
CA THR A 8 7.00 1.86 10.96
C THR A 8 8.12 1.23 10.15
N GLY A 9 7.76 0.48 9.11
CA GLY A 9 8.74 -0.17 8.28
C GLY A 9 9.06 0.62 7.02
N MET A 10 10.10 0.20 6.31
CA MET A 10 10.51 0.89 5.09
C MET A 10 9.82 0.27 3.87
N LYS A 11 8.67 0.81 3.52
CA LYS A 11 7.91 0.31 2.37
C LYS A 11 7.90 1.33 1.25
N PRO A 12 8.41 0.93 0.07
CA PRO A 12 8.48 1.79 -1.11
C PRO A 12 7.10 2.07 -1.70
N TYR A 13 6.66 1.24 -2.63
CA TYR A 13 5.37 1.40 -3.27
C TYR A 13 4.37 0.37 -2.74
N VAL A 14 4.68 -0.19 -1.58
CA VAL A 14 3.81 -1.19 -0.96
C VAL A 14 2.58 -0.53 -0.34
N CYS A 15 1.43 -1.20 -0.44
CA CYS A 15 0.19 -0.69 0.11
C CYS A 15 0.15 -0.86 1.63
N ASN A 16 0.27 0.25 2.34
CA ASN A 16 0.25 0.22 3.80
C ASN A 16 -1.12 -0.22 4.32
N GLU A 17 -2.07 -0.37 3.40
CA GLU A 17 -3.42 -0.80 3.77
C GLU A 17 -3.54 -2.32 3.75
N CYS A 18 -3.26 -2.91 2.60
CA CYS A 18 -3.33 -4.36 2.45
C CYS A 18 -1.95 -4.98 2.40
N GLY A 19 -0.97 -4.20 1.95
CA GLY A 19 0.40 -4.69 1.87
C GLY A 19 0.82 -5.00 0.44
N LYS A 20 -0.08 -4.76 -0.50
CA LYS A 20 0.20 -5.00 -1.91
C LYS A 20 1.50 -4.31 -2.33
N ALA A 21 2.51 -5.12 -2.65
CA ALA A 21 3.80 -4.59 -3.07
C ALA A 21 3.89 -4.50 -4.59
N PHE A 22 4.17 -3.29 -5.09
CA PHE A 22 4.28 -3.07 -6.52
C PHE A 22 5.71 -2.71 -6.91
N ARG A 23 5.93 -2.50 -8.20
CA ARG A 23 7.25 -2.15 -8.70
C ARG A 23 7.41 -0.63 -8.81
N SER A 24 6.28 0.06 -9.00
CA SER A 24 6.30 1.51 -9.12
C SER A 24 5.09 2.14 -8.42
N LYS A 25 5.12 3.45 -8.28
CA LYS A 25 4.03 4.17 -7.62
C LYS A 25 2.77 4.15 -8.47
N SER A 26 2.94 4.36 -9.78
CA SER A 26 1.82 4.37 -10.70
C SER A 26 1.05 3.05 -10.65
N TYR A 27 1.76 1.97 -10.38
CA TYR A 27 1.16 0.65 -10.30
C TYR A 27 0.39 0.48 -8.98
N LEU A 28 0.84 1.18 -7.94
CA LEU A 28 0.20 1.11 -6.64
C LEU A 28 -0.94 2.11 -6.54
N ILE A 29 -0.82 3.22 -7.26
CA ILE A 29 -1.85 4.24 -7.26
C ILE A 29 -3.12 3.75 -7.94
N ILE A 30 -2.95 2.93 -8.98
CA ILE A 30 -4.09 2.39 -9.71
C ILE A 30 -4.85 1.37 -8.87
N HIS A 31 -4.20 0.86 -7.83
CA HIS A 31 -4.81 -0.12 -6.95
C HIS A 31 -5.44 0.56 -5.74
N THR A 32 -4.75 1.57 -5.20
CA THR A 32 -5.24 2.30 -4.05
C THR A 32 -6.64 2.85 -4.29
N ARG A 33 -6.94 3.14 -5.55
CA ARG A 33 -8.24 3.67 -5.93
C ARG A 33 -9.32 2.60 -5.85
N THR A 34 -8.93 1.35 -6.12
CA THR A 34 -9.86 0.23 -6.08
C THR A 34 -10.39 0.01 -4.67
N HIS A 35 -9.61 0.43 -3.67
CA HIS A 35 -10.00 0.28 -2.28
C HIS A 35 -11.31 1.00 -2.00
N THR A 36 -11.61 2.02 -2.79
CA THR A 36 -12.83 2.79 -2.63
C THR A 36 -13.20 2.93 -1.15
N GLY A 37 -12.21 3.20 -0.32
CA GLY A 37 -12.45 3.35 1.10
C GLY A 37 -12.08 2.11 1.89
N GLU A 38 -11.18 2.28 2.87
CA GLU A 38 -10.74 1.16 3.69
C GLU A 38 -11.05 1.41 5.16
N SER A 39 -11.95 0.61 5.72
CA SER A 39 -12.34 0.75 7.13
C SER A 39 -11.24 0.23 8.05
N GLY A 40 -10.84 1.07 9.01
CA GLY A 40 -9.80 0.67 9.94
C GLY A 40 -9.68 1.64 11.11
N PRO A 41 -9.06 1.17 12.20
CA PRO A 41 -8.87 1.98 13.41
C PRO A 41 -7.86 3.10 13.20
N SER A 42 -7.30 3.17 12.00
CA SER A 42 -6.30 4.18 11.68
C SER A 42 -6.93 5.58 11.73
N SER A 43 -6.78 6.25 12.87
CA SER A 43 -7.32 7.58 13.06
C SER A 43 -6.97 8.48 11.88
N GLY A 44 -5.71 8.46 11.47
CA GLY A 44 -5.27 9.28 10.36
C GLY A 44 -4.42 10.45 10.80
N GLY A 1 0.37 -4.41 25.18
CA GLY A 1 -0.16 -5.22 24.10
C GLY A 1 -0.72 -4.39 22.97
N SER A 2 -1.26 -5.06 21.95
CA SER A 2 -1.84 -4.38 20.81
C SER A 2 -0.77 -3.56 20.08
N SER A 3 0.41 -4.13 19.93
CA SER A 3 1.51 -3.45 19.25
C SER A 3 2.46 -4.45 18.61
N GLY A 4 2.75 -4.25 17.33
CA GLY A 4 3.64 -5.14 16.62
C GLY A 4 4.40 -4.44 15.51
N SER A 5 5.51 -3.80 15.86
CA SER A 5 6.32 -3.09 14.88
C SER A 5 7.80 -3.16 15.26
N SER A 6 8.60 -3.79 14.40
CA SER A 6 10.02 -3.92 14.63
C SER A 6 10.78 -4.11 13.32
N GLY A 7 11.89 -3.40 13.18
CA GLY A 7 12.69 -3.50 11.97
C GLY A 7 13.10 -2.14 11.43
N THR A 8 13.93 -2.15 10.39
CA THR A 8 14.40 -0.92 9.78
C THR A 8 14.02 -0.84 8.31
N GLY A 9 13.73 0.37 7.83
CA GLY A 9 13.36 0.55 6.43
C GLY A 9 11.89 0.82 6.26
N MET A 10 11.53 1.51 5.18
CA MET A 10 10.14 1.84 4.90
C MET A 10 9.71 1.28 3.54
N LYS A 11 8.57 0.61 3.52
CA LYS A 11 8.04 0.03 2.29
C LYS A 11 8.08 1.04 1.15
N PRO A 12 8.50 0.59 -0.04
CA PRO A 12 8.59 1.45 -1.23
C PRO A 12 7.22 1.84 -1.75
N TYR A 13 6.68 1.04 -2.66
CA TYR A 13 5.38 1.30 -3.25
C TYR A 13 4.34 0.30 -2.76
N VAL A 14 4.65 -0.35 -1.63
CA VAL A 14 3.74 -1.34 -1.06
C VAL A 14 2.56 -0.68 -0.37
N CYS A 15 1.36 -1.18 -0.63
CA CYS A 15 0.15 -0.64 -0.03
C CYS A 15 0.18 -0.76 1.48
N ASN A 16 0.16 0.38 2.18
CA ASN A 16 0.19 0.39 3.63
C ASN A 16 -1.20 0.09 4.21
N GLU A 17 -2.10 -0.38 3.35
CA GLU A 17 -3.46 -0.70 3.76
C GLU A 17 -3.69 -2.21 3.72
N CYS A 18 -3.27 -2.84 2.63
CA CYS A 18 -3.44 -4.27 2.46
C CYS A 18 -2.09 -4.98 2.38
N GLY A 19 -1.09 -4.28 1.84
CA GLY A 19 0.24 -4.85 1.72
C GLY A 19 0.63 -5.13 0.28
N LYS A 20 -0.25 -4.76 -0.64
CA LYS A 20 0.00 -4.97 -2.07
C LYS A 20 1.33 -4.35 -2.49
N ALA A 21 2.32 -5.19 -2.74
CA ALA A 21 3.64 -4.72 -3.15
C ALA A 21 3.73 -4.61 -4.68
N PHE A 22 4.06 -3.42 -5.16
CA PHE A 22 4.17 -3.19 -6.59
C PHE A 22 5.61 -2.81 -6.96
N ARG A 23 5.84 -2.63 -8.25
CA ARG A 23 7.17 -2.28 -8.75
C ARG A 23 7.37 -0.76 -8.73
N SER A 24 6.32 -0.03 -9.10
CA SER A 24 6.37 1.43 -9.14
C SER A 24 5.12 2.03 -8.50
N LYS A 25 5.29 3.21 -7.91
CA LYS A 25 4.17 3.90 -7.26
C LYS A 25 2.94 3.92 -8.17
N SER A 26 3.16 4.21 -9.45
CA SER A 26 2.06 4.26 -10.42
C SER A 26 1.14 3.06 -10.25
N TYR A 27 1.72 1.90 -9.99
CA TYR A 27 0.96 0.67 -9.82
C TYR A 27 0.21 0.69 -8.49
N LEU A 28 0.78 1.35 -7.50
CA LEU A 28 0.16 1.46 -6.18
C LEU A 28 -0.95 2.50 -6.18
N ILE A 29 -0.79 3.53 -7.00
CA ILE A 29 -1.77 4.60 -7.09
C ILE A 29 -3.04 4.12 -7.79
N ILE A 30 -2.86 3.38 -8.88
CA ILE A 30 -3.99 2.86 -9.64
C ILE A 30 -4.71 1.77 -8.87
N HIS A 31 -4.07 1.26 -7.82
CA HIS A 31 -4.64 0.21 -7.00
C HIS A 31 -5.37 0.79 -5.79
N THR A 32 -4.65 1.61 -5.02
CA THR A 32 -5.22 2.24 -3.83
C THR A 32 -6.66 2.69 -4.09
N ARG A 33 -6.96 2.98 -5.35
CA ARG A 33 -8.30 3.43 -5.72
C ARG A 33 -9.28 2.27 -5.73
N THR A 34 -8.84 1.12 -6.24
CA THR A 34 -9.68 -0.07 -6.31
C THR A 34 -10.33 -0.35 -4.96
N HIS A 35 -9.63 -0.02 -3.89
CA HIS A 35 -10.14 -0.23 -2.54
C HIS A 35 -11.59 0.22 -2.43
N THR A 36 -11.94 1.27 -3.16
CA THR A 36 -13.30 1.80 -3.15
C THR A 36 -14.19 1.04 -4.12
N GLY A 37 -14.09 -0.28 -4.11
CA GLY A 37 -14.90 -1.10 -5.00
C GLY A 37 -14.23 -2.42 -5.34
N GLU A 38 -13.90 -3.18 -4.30
CA GLU A 38 -13.26 -4.48 -4.50
C GLU A 38 -14.25 -5.62 -4.27
N SER A 39 -15.06 -5.49 -3.22
CA SER A 39 -16.04 -6.50 -2.89
C SER A 39 -17.18 -5.91 -2.07
N GLY A 40 -18.40 -5.99 -2.62
CA GLY A 40 -19.55 -5.46 -1.94
C GLY A 40 -20.08 -6.39 -0.86
N PRO A 41 -21.03 -7.26 -1.23
CA PRO A 41 -21.63 -8.23 -0.30
C PRO A 41 -20.65 -9.32 0.11
N SER A 42 -19.84 -9.04 1.13
CA SER A 42 -18.86 -10.00 1.62
C SER A 42 -18.96 -10.16 3.13
N SER A 43 -18.44 -11.27 3.64
CA SER A 43 -18.48 -11.55 5.07
C SER A 43 -17.84 -10.42 5.86
N GLY A 44 -18.33 -10.21 7.07
CA GLY A 44 -17.79 -9.15 7.92
C GLY A 44 -16.46 -9.52 8.54
#